data_4YRM
#
_entry.id   4YRM
#
_cell.length_a   90.128
_cell.length_b   119.461
_cell.length_c   94.552
_cell.angle_alpha   90.000
_cell.angle_beta   91.030
_cell.angle_gamma   90.000
#
_symmetry.space_group_name_H-M   'C 1 2 1'
#
loop_
_entity.id
_entity.type
_entity.pdbx_description
1 polymer 'Histidyl-tRNA synthetase'
2 non-polymer HISTIDINE
3 non-polymer 3-methoxypyridine
4 non-polymer 'SULFATE ION'
5 non-polymer 1,2-ETHANEDIOL
6 non-polymer GLYCEROL
7 water water
#
_entity_poly.entity_id   1
_entity_poly.type   'polypeptide(L)'
_entity_poly.pdbx_seq_one_letter_code
;MAHHHHHHMGTLEAQTQGPGSMQKNMVETEPVQGCRDFPPEAMRCRRHLFDVFHATAKTFGFEEYDAPVLESEELYIRKA
GEEITEQMFNFITKGGHRVALRPEMTPSLARLLLGKGRSLLLPAKWYSIPQCWRYEAITRGRRREHYQWNMDIVGVKSVS
AEVELVCAACWAMRSLGLSSKDVGIKVNSRKVLQTVVEQAGVTSDKFAPVCVIVDKMEKIPREEVEAQLAVLGLEPTVVD
AITTTLSLKSIDEIAQRVGEEHEAVKELRQFFEQVEAYGYGDWVLFDASVVRGLAYYTGIVFEGFDREGKFRALCGGGRY
DNLLTTYGSPTPIPCAGFGFGDCVIVELLQEKRLLPDIPHVVDDVVIPFDESMRPHALAVLRRLRDAGRSADIILDKKKV
VQAFNYADRVGAVRAVLVAPEEWERGEVQVKMLREGTGKEEGGAERGFAVPLDRLV
;
_entity_poly.pdbx_strand_id   A,B
#
loop_
_chem_comp.id
_chem_comp.type
_chem_comp.name
_chem_comp.formula
282 non-polymer 3-methoxypyridine 'C6 H7 N O'
EDO non-polymer 1,2-ETHANEDIOL 'C2 H6 O2'
GOL non-polymer GLYCEROL 'C3 H8 O3'
SO4 non-polymer 'SULFATE ION' 'O4 S -2'
#
# COMPACT_ATOMS: atom_id res chain seq x y z
N MET A 26 -18.58 15.56 69.97
CA MET A 26 -18.18 15.08 68.60
C MET A 26 -17.44 16.18 67.82
N VAL A 27 -16.35 15.80 67.16
CA VAL A 27 -15.56 16.72 66.33
C VAL A 27 -16.10 16.79 64.90
N GLU A 28 -15.58 17.73 64.12
CA GLU A 28 -16.07 17.94 62.77
C GLU A 28 -15.55 16.81 61.88
N THR A 29 -16.46 16.01 61.35
CA THR A 29 -16.09 14.88 60.53
C THR A 29 -15.88 15.29 59.07
N GLU A 30 -16.44 16.43 58.68
CA GLU A 30 -16.29 16.89 57.30
C GLU A 30 -14.89 17.50 57.10
N PRO A 31 -14.34 17.34 55.89
CA PRO A 31 -13.03 17.91 55.60
C PRO A 31 -13.09 19.43 55.54
N VAL A 32 -11.93 20.05 55.46
CA VAL A 32 -11.88 21.50 55.30
C VAL A 32 -12.57 21.86 53.99
N GLN A 33 -13.33 22.94 54.04
CA GLN A 33 -14.03 23.54 52.91
C GLN A 33 -13.32 23.38 51.57
N GLY A 34 -14.00 22.74 50.61
CA GLY A 34 -13.48 22.59 49.26
C GLY A 34 -12.34 21.59 49.11
N CYS A 35 -12.16 20.74 50.11
CA CYS A 35 -11.16 19.67 50.03
C CYS A 35 -11.85 18.33 50.13
N ARG A 36 -11.34 17.34 49.41
CA ARG A 36 -11.96 16.03 49.34
C ARG A 36 -11.25 15.02 50.22
N ASP A 37 -12.06 14.17 50.84
CA ASP A 37 -11.61 12.94 51.46
C ASP A 37 -11.63 11.80 50.43
N PHE A 38 -10.77 10.81 50.62
CA PHE A 38 -10.77 9.62 49.79
C PHE A 38 -10.78 8.37 50.67
N PRO A 39 -11.96 8.01 51.20
CA PRO A 39 -12.03 6.73 51.86
C PRO A 39 -11.87 5.65 50.78
N PRO A 40 -11.70 4.40 51.19
CA PRO A 40 -11.31 3.37 50.25
C PRO A 40 -12.07 3.32 48.94
N GLU A 41 -13.39 3.50 48.97
CA GLU A 41 -14.21 3.40 47.76
C GLU A 41 -13.79 4.50 46.78
N ALA A 42 -13.74 5.73 47.26
CA ALA A 42 -13.37 6.87 46.44
C ALA A 42 -11.90 6.76 46.03
N MET A 43 -11.05 6.29 46.94
CA MET A 43 -9.63 6.10 46.58
C MET A 43 -9.45 5.09 45.44
N ARG A 44 -10.29 4.06 45.35
CA ARG A 44 -10.17 3.08 44.28
C ARG A 44 -10.40 3.72 42.93
N CYS A 45 -11.37 4.62 42.88
CA CYS A 45 -11.66 5.36 41.67
C CYS A 45 -10.48 6.24 41.27
N ARG A 46 -9.93 6.95 42.25
CA ARG A 46 -8.77 7.79 42.00
C ARG A 46 -7.57 6.97 41.53
N ARG A 47 -7.37 5.80 42.12
CA ARG A 47 -6.28 4.90 41.71
C ARG A 47 -6.46 4.40 40.27
N HIS A 48 -7.68 4.06 39.94
CA HIS A 48 -8.02 3.62 38.60
C HIS A 48 -7.56 4.69 37.59
N LEU A 49 -7.80 5.95 37.93
CA LEU A 49 -7.43 7.04 37.06
C LEU A 49 -5.91 7.26 37.04
N PHE A 50 -5.30 7.34 38.21
CA PHE A 50 -3.86 7.59 38.27
C PHE A 50 -3.08 6.44 37.61
N ASP A 51 -3.59 5.21 37.71
CA ASP A 51 -2.91 4.09 37.07
C ASP A 51 -2.83 4.31 35.58
N VAL A 52 -3.89 4.88 35.01
CA VAL A 52 -3.86 5.22 33.61
C VAL A 52 -2.85 6.33 33.31
N PHE A 53 -2.80 7.36 34.14
CA PHE A 53 -1.83 8.42 33.95
C PHE A 53 -0.41 7.86 33.97
N HIS A 54 -0.10 7.08 34.99
CA HIS A 54 1.21 6.45 35.07
C HIS A 54 1.48 5.52 33.89
N ALA A 55 0.51 4.70 33.53
CA ALA A 55 0.73 3.70 32.49
C ALA A 55 0.89 4.36 31.11
N THR A 56 0.15 5.44 30.89
CA THR A 56 0.27 6.23 29.67
C THR A 56 1.66 6.88 29.61
N ALA A 57 2.08 7.48 30.71
CA ALA A 57 3.41 8.08 30.77
C ALA A 57 4.50 7.07 30.43
N LYS A 58 4.41 5.89 31.02
CA LYS A 58 5.37 4.82 30.76
C LYS A 58 5.30 4.37 29.30
N THR A 59 4.11 4.14 28.79
CA THR A 59 3.95 3.77 27.39
C THR A 59 4.62 4.80 26.46
N PHE A 60 4.59 6.07 26.86
CA PHE A 60 5.13 7.15 26.05
C PHE A 60 6.56 7.54 26.39
N GLY A 61 7.16 6.86 27.35
CA GLY A 61 8.56 7.12 27.70
C GLY A 61 8.82 8.36 28.52
N PHE A 62 7.83 8.85 29.25
CA PHE A 62 8.02 10.03 30.14
C PHE A 62 8.56 9.58 31.50
N GLU A 63 9.32 10.43 32.17
CA GLU A 63 9.93 10.08 33.47
C GLU A 63 9.25 10.88 34.54
N GLU A 64 8.97 10.22 35.66
CA GLU A 64 8.29 10.86 36.75
C GLU A 64 9.20 11.82 37.54
N TYR A 65 8.61 12.91 38.02
CA TYR A 65 9.28 13.85 38.92
C TYR A 65 8.28 14.40 39.91
N ASP A 66 8.76 15.12 40.92
CA ASP A 66 7.88 15.77 41.87
C ASP A 66 8.63 16.96 42.47
N ALA A 67 7.89 17.85 43.09
CA ALA A 67 8.45 19.03 43.73
C ALA A 67 7.52 19.45 44.86
N PRO A 68 7.96 20.39 45.69
CA PRO A 68 7.16 20.70 46.87
C PRO A 68 5.88 21.42 46.50
N VAL A 69 4.77 21.01 47.11
CA VAL A 69 3.50 21.69 46.96
C VAL A 69 3.62 23.14 47.41
N LEU A 70 4.52 23.40 48.36
CA LEU A 70 4.81 24.74 48.82
C LEU A 70 5.97 25.32 47.99
N GLU A 71 5.70 26.38 47.25
CA GLU A 71 6.72 27.05 46.45
C GLU A 71 6.72 28.52 46.83
N SER A 72 7.77 29.22 46.42
CA SER A 72 7.87 30.67 46.65
C SER A 72 6.81 31.37 45.82
N GLU A 73 6.20 32.39 46.42
CA GLU A 73 5.17 33.18 45.77
C GLU A 73 5.68 33.86 44.49
N GLU A 74 6.92 34.36 44.55
CA GLU A 74 7.58 35.02 43.41
C GLU A 74 7.50 34.21 42.11
N LEU A 75 7.34 32.90 42.23
CA LEU A 75 7.31 32.02 41.08
C LEU A 75 6.06 32.19 40.20
N TYR A 76 4.98 32.71 40.79
CA TYR A 76 3.68 32.85 40.08
C TYR A 76 3.24 34.29 39.83
N ILE A 77 4.11 35.26 40.10
CA ILE A 77 3.76 36.66 39.85
C ILE A 77 4.11 37.05 38.42
N ARG A 78 3.20 36.74 37.50
CA ARG A 78 3.42 37.00 36.07
C ARG A 78 2.73 38.26 35.54
N LYS A 79 1.88 38.87 36.37
CA LYS A 79 1.30 40.20 36.09
C LYS A 79 0.59 40.31 34.72
N ALA A 80 -0.13 39.25 34.35
CA ALA A 80 -0.89 39.21 33.09
C ALA A 80 -2.40 39.04 33.34
N GLY A 81 -2.82 39.14 34.60
CA GLY A 81 -4.22 38.97 34.97
C GLY A 81 -4.76 37.56 34.78
N GLU A 82 -3.89 36.56 34.88
CA GLU A 82 -4.30 35.16 34.70
C GLU A 82 -5.15 34.70 35.88
N GLU A 83 -6.12 33.85 35.60
CA GLU A 83 -7.03 33.36 36.63
C GLU A 83 -6.30 32.54 37.70
N ILE A 84 -5.40 31.66 37.29
CA ILE A 84 -4.79 30.74 38.25
C ILE A 84 -3.80 31.44 39.19
N THR A 85 -3.22 32.55 38.74
CA THR A 85 -2.38 33.38 39.62
C THR A 85 -3.23 34.34 40.46
N GLU A 86 -4.35 34.82 39.90
CA GLU A 86 -5.31 35.62 40.66
C GLU A 86 -5.91 34.87 41.85
N GLN A 87 -6.17 33.59 41.66
CA GLN A 87 -6.86 32.76 42.64
C GLN A 87 -5.87 31.89 43.42
N MET A 88 -4.70 32.43 43.70
CA MET A 88 -3.61 31.64 44.25
C MET A 88 -3.72 31.61 45.79
N PHE A 89 -3.64 30.39 46.33
CA PHE A 89 -3.78 30.11 47.76
C PHE A 89 -2.43 30.39 48.40
N ASN A 90 -2.16 31.66 48.67
CA ASN A 90 -0.88 32.05 49.25
C ASN A 90 -1.01 32.46 50.72
N PHE A 91 0.12 32.47 51.41
CA PHE A 91 0.19 32.91 52.79
C PHE A 91 1.64 33.23 53.16
N ILE A 92 1.86 33.64 54.40
CA ILE A 92 3.19 34.04 54.87
C ILE A 92 3.61 33.14 56.04
N THR A 93 4.84 32.65 55.98
CA THR A 93 5.40 31.81 57.07
C THR A 93 5.58 32.65 58.33
N LYS A 94 5.77 31.99 59.46
CA LYS A 94 6.05 32.69 60.71
C LYS A 94 7.33 33.52 60.62
N GLY A 95 8.28 33.06 59.79
CA GLY A 95 9.51 33.80 59.52
C GLY A 95 9.40 34.84 58.40
N GLY A 96 8.19 35.02 57.88
CA GLY A 96 7.90 36.15 56.99
C GLY A 96 8.10 35.90 55.51
N HIS A 97 8.38 34.66 55.13
CA HIS A 97 8.61 34.36 53.72
C HIS A 97 7.29 34.22 52.94
N ARG A 98 7.26 34.86 51.76
CA ARG A 98 6.09 34.87 50.88
C ARG A 98 6.00 33.56 50.09
N VAL A 99 5.12 32.66 50.51
CA VAL A 99 4.98 31.35 49.86
C VAL A 99 3.56 31.13 49.35
N ALA A 100 3.39 30.06 48.57
CA ALA A 100 2.09 29.69 48.03
C ALA A 100 2.00 28.21 47.85
N LEU A 101 0.80 27.67 48.08
CA LEU A 101 0.47 26.34 47.62
C LEU A 101 0.33 26.46 46.11
N ARG A 102 1.05 25.64 45.37
CA ARG A 102 1.12 25.76 43.91
C ARG A 102 -0.27 25.76 43.28
N PRO A 103 -0.53 26.70 42.36
CA PRO A 103 -1.77 26.66 41.57
C PRO A 103 -1.61 25.84 40.31
N GLU A 104 -0.36 25.58 39.93
CA GLU A 104 -0.05 24.78 38.76
C GLU A 104 1.34 24.24 38.96
N MET A 105 1.78 23.37 38.05
CA MET A 105 3.07 22.71 38.19
C MET A 105 4.17 23.28 37.30
N THR A 106 3.79 23.89 36.18
CA THR A 106 4.76 24.23 35.15
C THR A 106 5.93 25.10 35.65
N PRO A 107 5.65 26.08 36.53
CA PRO A 107 6.77 26.88 37.03
C PRO A 107 7.76 26.08 37.88
N SER A 108 7.24 25.13 38.65
CA SER A 108 8.08 24.22 39.41
C SER A 108 8.98 23.41 38.48
N LEU A 109 8.39 22.83 37.45
CA LEU A 109 9.14 22.13 36.40
C LEU A 109 10.27 23.00 35.89
N ALA A 110 9.94 24.23 35.53
CA ALA A 110 10.93 25.14 34.98
C ALA A 110 12.07 25.38 35.96
N ARG A 111 11.73 25.54 37.24
CA ARG A 111 12.74 25.76 38.27
C ARG A 111 13.71 24.59 38.30
N LEU A 112 13.14 23.39 38.35
CA LEU A 112 13.92 22.16 38.34
C LEU A 112 14.81 22.06 37.12
N LEU A 113 14.26 22.36 35.95
CA LEU A 113 15.05 22.33 34.70
C LEU A 113 16.21 23.32 34.78
N LEU A 114 15.95 24.54 35.22
CA LEU A 114 17.01 25.54 35.36
C LEU A 114 18.08 25.13 36.35
N GLY A 115 17.66 24.50 37.44
CA GLY A 115 18.59 24.03 38.46
C GLY A 115 19.56 23.02 37.88
N LYS A 116 19.08 22.17 36.98
CA LYS A 116 19.96 21.19 36.33
C LYS A 116 20.89 21.83 35.30
N GLY A 117 20.37 22.78 34.53
CA GLY A 117 21.19 23.52 33.55
C GLY A 117 21.73 22.62 32.45
N ARG A 118 23.05 22.67 32.25
CA ARG A 118 23.70 21.90 31.20
C ARG A 118 23.79 20.39 31.48
N SER A 119 23.76 19.99 32.75
CA SER A 119 23.75 18.58 33.10
C SER A 119 22.47 17.85 32.65
N LEU A 120 21.41 18.58 32.33
CA LEU A 120 20.17 17.98 31.85
C LEU A 120 20.33 17.55 30.40
N LEU A 121 20.14 16.27 30.15
CA LEU A 121 20.23 15.76 28.79
C LEU A 121 18.87 15.98 28.11
N LEU A 122 18.94 16.45 26.88
CA LEU A 122 17.78 16.84 26.13
C LEU A 122 17.77 16.03 24.84
N PRO A 123 16.60 15.65 24.34
CA PRO A 123 15.28 16.02 24.91
C PRO A 123 14.89 15.31 26.21
N ALA A 124 14.07 15.96 27.04
CA ALA A 124 13.55 15.35 28.27
C ALA A 124 12.04 15.31 28.25
N LYS A 125 11.48 14.23 28.80
CA LYS A 125 10.04 14.02 28.84
C LYS A 125 9.69 13.68 30.28
N TRP A 126 9.12 14.65 30.98
CA TRP A 126 8.87 14.53 32.40
C TRP A 126 7.38 14.62 32.67
N TYR A 127 6.91 13.85 33.65
CA TYR A 127 5.51 13.87 34.03
C TYR A 127 5.34 13.82 35.54
N SER A 128 4.19 14.28 36.01
CA SER A 128 3.90 14.25 37.42
CA SER A 128 3.91 14.25 37.42
C SER A 128 2.39 14.30 37.63
N ILE A 129 1.96 14.03 38.86
CA ILE A 129 0.53 14.11 39.20
C ILE A 129 0.34 14.92 40.49
N PRO A 130 0.72 16.20 40.47
CA PRO A 130 0.62 17.05 41.67
C PRO A 130 -0.79 17.42 42.04
N GLN A 131 -1.06 17.49 43.33
CA GLN A 131 -2.20 18.21 43.80
C GLN A 131 -1.89 19.69 43.66
N CYS A 132 -2.85 20.45 43.12
CA CYS A 132 -2.69 21.88 42.96
C CYS A 132 -3.86 22.59 43.61
N TRP A 133 -3.63 23.85 43.93
CA TRP A 133 -4.49 24.57 44.84
C TRP A 133 -4.96 25.90 44.31
N ARG A 134 -6.08 26.35 44.87
CA ARG A 134 -6.60 27.68 44.60
C ARG A 134 -7.45 28.15 45.78
N TYR A 135 -7.75 29.44 45.78
CA TYR A 135 -8.61 30.04 46.78
C TYR A 135 -9.51 31.08 46.11
N GLU A 136 -10.79 31.08 46.49
CA GLU A 136 -11.77 32.06 45.97
C GLU A 136 -12.51 32.73 47.11
N ARG A 142 -17.16 25.85 46.01
CA ARG A 142 -16.24 25.56 44.92
C ARG A 142 -15.00 24.79 45.43
N ARG A 143 -14.46 23.92 44.59
CA ARG A 143 -13.29 23.11 44.97
C ARG A 143 -12.04 23.98 45.11
N ARG A 144 -11.29 23.78 46.19
CA ARG A 144 -10.03 24.50 46.40
C ARG A 144 -8.82 23.68 45.98
N GLU A 145 -9.07 22.48 45.47
CA GLU A 145 -8.03 21.49 45.39
C GLU A 145 -8.31 20.52 44.24
N HIS A 146 -7.31 20.25 43.41
CA HIS A 146 -7.44 19.14 42.47
C HIS A 146 -6.10 18.49 42.20
N TYR A 147 -6.13 17.30 41.60
CA TYR A 147 -4.95 16.65 41.08
C TYR A 147 -4.91 16.88 39.59
N GLN A 148 -3.70 17.06 39.07
CA GLN A 148 -3.51 17.42 37.71
C GLN A 148 -2.31 16.71 37.16
N TRP A 149 -2.57 15.79 36.24
CA TRP A 149 -1.53 15.09 35.51
C TRP A 149 -0.84 16.10 34.65
N ASN A 150 0.47 16.17 34.74
CA ASN A 150 1.27 17.08 33.93
C ASN A 150 2.20 16.27 33.09
N MET A 151 2.24 16.56 31.79
CA MET A 151 3.15 15.95 30.85
C MET A 151 3.84 17.05 30.06
N ASP A 152 5.17 17.04 30.01
CA ASP A 152 5.91 18.07 29.35
C ASP A 152 7.10 17.49 28.61
N ILE A 153 7.33 18.01 27.41
CA ILE A 153 8.49 17.68 26.61
C ILE A 153 9.41 18.89 26.52
N VAL A 154 10.69 18.67 26.79
CA VAL A 154 11.66 19.76 26.91
C VAL A 154 12.79 19.60 25.90
N GLY A 155 13.08 20.66 25.16
CA GLY A 155 14.21 20.66 24.20
C GLY A 155 13.89 20.18 22.79
N VAL A 156 12.61 20.18 22.42
CA VAL A 156 12.16 19.83 21.08
C VAL A 156 11.48 21.03 20.42
N LYS A 157 12.17 21.60 19.43
CA LYS A 157 11.69 22.73 18.64
C LYS A 157 10.42 22.44 17.85
N SER A 158 10.33 21.23 17.28
CA SER A 158 9.32 20.90 16.28
C SER A 158 8.00 20.41 16.86
N VAL A 159 6.97 20.45 16.02
CA VAL A 159 5.59 20.08 16.41
C VAL A 159 5.41 18.61 16.77
N SER A 160 6.42 17.79 16.51
CA SER A 160 6.42 16.42 16.98
C SER A 160 6.18 16.34 18.52
N ALA A 161 6.64 17.35 19.27
CA ALA A 161 6.39 17.37 20.71
C ALA A 161 4.89 17.47 20.99
N GLU A 162 4.25 18.43 20.34
CA GLU A 162 2.80 18.64 20.53
C GLU A 162 2.03 17.44 20.02
N VAL A 163 2.52 16.80 18.95
CA VAL A 163 1.89 15.60 18.44
C VAL A 163 1.86 14.53 19.52
N GLU A 164 3.03 14.26 20.10
CA GLU A 164 3.18 13.23 21.11
C GLU A 164 2.28 13.53 22.31
N LEU A 165 2.30 14.78 22.76
CA LEU A 165 1.53 15.18 23.92
C LEU A 165 0.05 14.98 23.70
N VAL A 166 -0.45 15.41 22.55
CA VAL A 166 -1.87 15.27 22.23
C VAL A 166 -2.23 13.80 22.11
N CYS A 167 -1.35 13.00 21.50
CA CYS A 167 -1.58 11.56 21.40
C CYS A 167 -1.59 10.92 22.79
N ALA A 168 -0.72 11.38 23.67
CA ALA A 168 -0.71 10.88 25.06
C ALA A 168 -2.04 11.10 25.73
N ALA A 169 -2.60 12.29 25.57
CA ALA A 169 -3.89 12.63 26.17
C ALA A 169 -5.02 11.76 25.62
N CYS A 170 -4.99 11.51 24.32
CA CYS A 170 -5.98 10.64 23.69
C CYS A 170 -5.84 9.20 24.20
N TRP A 171 -4.59 8.74 24.29
CA TRP A 171 -4.27 7.40 24.77
C TRP A 171 -4.85 7.17 26.15
N ALA A 172 -4.68 8.16 27.03
CA ALA A 172 -5.17 8.06 28.38
C ALA A 172 -6.70 7.93 28.38
N MET A 173 -7.37 8.74 27.57
CA MET A 173 -8.83 8.70 27.52
C MET A 173 -9.31 7.40 26.88
N ARG A 174 -8.64 6.98 25.83
CA ARG A 174 -8.90 5.66 25.25
C ARG A 174 -8.79 4.56 26.32
N SER A 175 -7.73 4.64 27.12
CA SER A 175 -7.47 3.64 28.18
C SER A 175 -8.56 3.58 29.25
N LEU A 176 -9.23 4.71 29.48
CA LEU A 176 -10.35 4.76 30.43
C LEU A 176 -11.68 4.31 29.82
N GLY A 177 -11.68 3.95 28.54
CA GLY A 177 -12.87 3.47 27.84
C GLY A 177 -13.51 4.47 26.88
N LEU A 178 -12.96 5.67 26.77
CA LEU A 178 -13.51 6.68 25.89
C LEU A 178 -13.07 6.45 24.44
N SER A 179 -13.90 6.87 23.49
CA SER A 179 -13.56 6.84 22.07
C SER A 179 -13.59 8.25 21.47
N SER A 180 -13.19 8.36 20.21
CA SER A 180 -13.24 9.63 19.51
C SER A 180 -14.68 10.10 19.28
N LYS A 181 -15.66 9.21 19.43
CA LYS A 181 -17.06 9.60 19.44
C LYS A 181 -17.41 10.38 20.72
N ASP A 182 -16.73 10.09 21.82
CA ASP A 182 -17.04 10.73 23.10
C ASP A 182 -16.32 12.06 23.30
N VAL A 183 -15.07 12.13 22.86
CA VAL A 183 -14.23 13.29 23.14
C VAL A 183 -13.42 13.68 21.93
N GLY A 184 -12.91 14.91 21.95
CA GLY A 184 -11.97 15.39 20.96
C GLY A 184 -10.96 16.33 21.57
N ILE A 185 -9.97 16.73 20.78
CA ILE A 185 -9.00 17.75 21.18
C ILE A 185 -9.02 18.88 20.16
N LYS A 186 -9.35 20.08 20.63
CA LYS A 186 -9.36 21.27 19.81
C LYS A 186 -7.95 21.82 19.78
N VAL A 187 -7.48 22.21 18.60
CA VAL A 187 -6.08 22.59 18.40
C VAL A 187 -5.96 23.91 17.60
N ASN A 188 -5.03 24.76 18.02
CA ASN A 188 -4.83 26.06 17.40
C ASN A 188 -3.38 26.47 17.58
N SER A 189 -2.96 27.56 16.94
CA SER A 189 -1.67 28.19 17.23
C SER A 189 -1.87 29.66 17.53
N ARG A 190 -1.26 30.12 18.63
CA ARG A 190 -1.27 31.54 19.00
C ARG A 190 -0.51 32.43 18.02
N LYS A 191 0.35 31.83 17.19
CA LYS A 191 1.11 32.59 16.19
C LYS A 191 0.23 33.34 15.17
N VAL A 192 -0.90 32.76 14.83
CA VAL A 192 -1.85 33.43 13.92
C VAL A 192 -2.26 34.76 14.53
N LEU A 193 -2.67 34.72 15.78
CA LEU A 193 -3.08 35.89 16.50
C LEU A 193 -1.90 36.82 16.76
N GLN A 194 -0.73 36.26 17.04
CA GLN A 194 0.50 37.05 17.23
C GLN A 194 0.74 37.99 16.06
N THR A 195 0.59 37.47 14.85
CA THR A 195 0.80 38.26 13.64
C THR A 195 -0.23 39.38 13.49
N VAL A 196 -1.51 39.05 13.68
CA VAL A 196 -2.60 40.02 13.53
C VAL A 196 -2.39 41.22 14.46
N VAL A 197 -2.04 40.93 15.71
CA VAL A 197 -1.71 41.95 16.69
C VAL A 197 -0.52 42.79 16.24
N GLU A 198 0.54 42.11 15.77
CA GLU A 198 1.77 42.78 15.33
C GLU A 198 1.56 43.64 14.09
N GLN A 199 0.69 43.20 13.17
CA GLN A 199 0.38 43.97 11.97
C GLN A 199 -0.40 45.25 12.29
N ALA A 200 -1.24 45.20 13.33
CA ALA A 200 -1.99 46.38 13.76
C ALA A 200 -1.10 47.46 14.39
N GLY A 201 0.06 47.04 14.89
CA GLY A 201 1.06 47.95 15.45
C GLY A 201 1.19 47.91 16.96
N VAL A 202 0.55 46.93 17.60
CA VAL A 202 0.54 46.83 19.05
C VAL A 202 1.84 46.21 19.53
N THR A 203 2.50 46.88 20.48
CA THR A 203 3.74 46.39 21.04
C THR A 203 3.59 44.94 21.50
N SER A 204 4.63 44.14 21.27
CA SER A 204 4.59 42.71 21.57
C SER A 204 4.33 42.40 23.05
N ASP A 205 4.67 43.34 23.93
CA ASP A 205 4.37 43.22 25.37
C ASP A 205 2.87 43.02 25.66
N LYS A 206 2.01 43.52 24.78
CA LYS A 206 0.56 43.43 24.99
C LYS A 206 -0.06 42.08 24.59
N PHE A 207 0.72 41.23 23.92
CA PHE A 207 0.19 39.98 23.37
C PHE A 207 -0.33 38.97 24.41
N ALA A 208 0.47 38.72 25.45
CA ALA A 208 0.06 37.78 26.50
C ALA A 208 -1.24 38.20 27.21
N PRO A 209 -1.33 39.48 27.62
CA PRO A 209 -2.59 39.99 28.15
C PRO A 209 -3.76 39.79 27.20
N VAL A 210 -3.53 40.07 25.92
CA VAL A 210 -4.57 39.91 24.90
C VAL A 210 -5.09 38.46 24.87
N CYS A 211 -4.18 37.49 24.87
CA CYS A 211 -4.58 36.08 24.90
C CYS A 211 -5.41 35.74 26.15
N VAL A 212 -4.93 36.19 27.32
CA VAL A 212 -5.61 35.98 28.60
C VAL A 212 -7.05 36.53 28.57
N ILE A 213 -7.25 37.64 27.89
CA ILE A 213 -8.58 38.25 27.78
C ILE A 213 -9.46 37.52 26.77
N VAL A 214 -8.90 37.22 25.61
CA VAL A 214 -9.62 36.53 24.54
C VAL A 214 -10.03 35.12 24.95
N ASP A 215 -9.23 34.50 25.80
CA ASP A 215 -9.59 33.22 26.40
C ASP A 215 -10.93 33.26 27.14
N LYS A 216 -11.37 34.44 27.55
CA LYS A 216 -12.63 34.59 28.27
C LYS A 216 -13.89 34.57 27.39
N MET A 217 -13.73 34.33 26.07
CA MET A 217 -14.87 34.23 25.15
C MET A 217 -15.75 33.03 25.48
N ILE A 220 -17.60 34.93 29.54
CA ILE A 220 -18.27 36.23 29.64
C ILE A 220 -18.73 36.73 28.27
N PRO A 221 -19.70 37.67 28.25
CA PRO A 221 -20.24 38.14 26.96
C PRO A 221 -19.21 38.90 26.11
N ARG A 222 -19.43 38.90 24.79
CA ARG A 222 -18.55 39.60 23.84
C ARG A 222 -18.38 41.08 24.19
N GLU A 223 -19.44 41.70 24.69
CA GLU A 223 -19.39 43.08 25.17
C GLU A 223 -18.38 43.26 26.31
N GLU A 224 -18.37 42.31 27.26
CA GLU A 224 -17.42 42.33 28.37
C GLU A 224 -15.96 42.16 27.91
N VAL A 225 -15.74 41.33 26.89
CA VAL A 225 -14.38 41.07 26.38
C VAL A 225 -13.88 42.23 25.51
N GLU A 226 -14.76 42.77 24.66
CA GLU A 226 -14.45 43.96 23.87
C GLU A 226 -14.01 45.10 24.79
N ALA A 227 -14.72 45.25 25.90
CA ALA A 227 -14.39 46.26 26.90
C ALA A 227 -13.01 46.07 27.51
N GLN A 228 -12.68 44.83 27.89
CA GLN A 228 -11.40 44.51 28.52
C GLN A 228 -10.21 44.82 27.60
N LEU A 229 -10.34 44.45 26.32
CA LEU A 229 -9.31 44.77 25.32
C LEU A 229 -9.13 46.27 25.08
N ALA A 230 -10.20 47.04 25.26
CA ALA A 230 -10.16 48.49 25.12
C ALA A 230 -9.27 49.13 26.20
N VAL A 231 -9.46 48.71 27.45
CA VAL A 231 -8.64 49.20 28.56
C VAL A 231 -7.17 48.76 28.44
N LEU A 232 -6.91 47.59 27.86
CA LEU A 232 -5.54 47.14 27.58
C LEU A 232 -4.84 48.11 26.61
N GLY A 233 -5.62 48.74 25.73
CA GLY A 233 -5.15 49.86 24.92
C GLY A 233 -5.16 49.63 23.42
N LEU A 234 -6.04 48.73 22.94
CA LEU A 234 -6.19 48.47 21.51
C LEU A 234 -7.43 49.20 20.99
N GLU A 235 -7.30 49.82 19.81
CA GLU A 235 -8.41 50.54 19.17
C GLU A 235 -9.39 49.56 18.56
N PRO A 236 -10.65 49.98 18.32
CA PRO A 236 -11.72 49.12 17.79
C PRO A 236 -11.36 48.34 16.51
N THR A 237 -10.55 48.93 15.64
CA THR A 237 -10.15 48.28 14.39
C THR A 237 -9.26 47.07 14.62
N VAL A 238 -8.36 47.18 15.61
CA VAL A 238 -7.47 46.09 15.99
C VAL A 238 -8.25 44.97 16.69
N VAL A 239 -9.25 45.36 17.47
CA VAL A 239 -10.14 44.41 18.16
C VAL A 239 -10.98 43.62 17.14
N ASP A 240 -11.41 44.30 16.08
CA ASP A 240 -12.24 43.68 15.05
C ASP A 240 -11.48 42.56 14.32
N ALA A 241 -10.22 42.82 13.97
CA ALA A 241 -9.39 41.84 13.28
C ALA A 241 -9.20 40.59 14.14
N ILE A 242 -8.95 40.80 15.42
CA ILE A 242 -8.84 39.72 16.40
C ILE A 242 -10.09 38.83 16.37
N THR A 243 -11.25 39.43 16.60
CA THR A 243 -12.53 38.73 16.59
C THR A 243 -12.73 37.91 15.33
N THR A 244 -12.45 38.52 14.18
CA THR A 244 -12.61 37.87 12.88
C THR A 244 -11.80 36.59 12.77
N THR A 245 -10.54 36.62 13.18
CA THR A 245 -9.66 35.45 13.03
C THR A 245 -10.06 34.32 13.97
N LEU A 246 -10.59 34.66 15.15
CA LEU A 246 -11.11 33.65 16.09
C LEU A 246 -12.32 32.91 15.52
N SER A 247 -13.03 33.55 14.61
CA SER A 247 -14.21 32.95 14.00
C SER A 247 -13.89 32.14 12.75
N LEU A 248 -12.64 32.14 12.31
CA LEU A 248 -12.25 31.38 11.11
C LEU A 248 -12.28 29.89 11.40
N LYS A 249 -12.99 29.14 10.57
CA LYS A 249 -13.35 27.76 10.87
C LYS A 249 -12.43 26.69 10.29
N SER A 250 -11.42 27.09 9.51
CA SER A 250 -10.53 26.10 8.89
C SER A 250 -9.13 26.66 8.69
N ILE A 251 -8.17 25.75 8.50
CA ILE A 251 -6.78 26.13 8.27
C ILE A 251 -6.63 26.87 6.93
N ASP A 252 -7.41 26.48 5.93
CA ASP A 252 -7.37 27.17 4.65
C ASP A 252 -7.73 28.64 4.81
N GLU A 253 -8.75 28.90 5.62
CA GLU A 253 -9.20 30.27 5.89
C GLU A 253 -8.16 31.07 6.67
N ILE A 254 -7.35 30.39 7.49
CA ILE A 254 -6.17 31.02 8.09
C ILE A 254 -5.16 31.31 6.98
N ALA A 255 -4.90 30.31 6.14
CA ALA A 255 -3.97 30.46 5.03
C ALA A 255 -4.33 31.66 4.15
N GLN A 256 -5.61 31.86 3.88
CA GLN A 256 -6.05 33.04 3.09
C GLN A 256 -5.67 34.34 3.78
N ARG A 257 -5.89 34.42 5.08
CA ARG A 257 -5.66 35.65 5.82
C ARG A 257 -4.17 35.95 6.03
N VAL A 258 -3.38 34.95 6.45
CA VAL A 258 -1.96 35.18 6.79
C VAL A 258 -0.93 34.60 5.80
N GLY A 259 -1.40 33.83 4.81
CA GLY A 259 -0.50 33.18 3.84
C GLY A 259 -0.25 31.73 4.18
N GLU A 260 0.00 30.93 3.14
CA GLU A 260 0.22 29.47 3.27
C GLU A 260 1.57 29.10 3.88
N GLU A 261 2.55 29.97 3.77
CA GLU A 261 3.86 29.62 4.34
C GLU A 261 4.07 30.37 5.68
N HIS A 262 3.01 30.97 6.23
CA HIS A 262 3.06 31.46 7.62
C HIS A 262 3.38 30.25 8.51
N GLU A 263 4.24 30.47 9.50
CA GLU A 263 4.73 29.39 10.35
C GLU A 263 3.59 28.55 10.90
N ALA A 264 2.59 29.23 11.46
CA ALA A 264 1.40 28.56 12.01
C ALA A 264 0.77 27.59 11.03
N VAL A 265 0.67 27.95 9.76
CA VAL A 265 0.01 27.08 8.79
C VAL A 265 0.83 25.81 8.59
N LYS A 266 2.11 25.95 8.28
CA LYS A 266 3.01 24.80 8.11
C LYS A 266 3.00 23.89 9.35
N GLU A 267 3.04 24.50 10.52
CA GLU A 267 3.12 23.76 11.77
C GLU A 267 1.83 22.99 12.05
N LEU A 268 0.69 23.67 11.96
CA LEU A 268 -0.57 23.00 12.15
C LEU A 268 -0.74 21.87 11.16
N ARG A 269 -0.38 22.09 9.90
CA ARG A 269 -0.49 21.04 8.89
C ARG A 269 0.38 19.83 9.24
N GLN A 270 1.64 20.07 9.58
CA GLN A 270 2.53 19.00 10.04
C GLN A 270 1.89 18.26 11.23
N PHE A 271 1.36 19.01 12.18
CA PHE A 271 0.73 18.45 13.37
C PHE A 271 -0.41 17.51 13.01
N PHE A 272 -1.34 17.95 12.17
CA PHE A 272 -2.43 17.07 11.76
C PHE A 272 -1.95 15.88 10.93
N GLU A 273 -0.98 16.10 10.05
CA GLU A 273 -0.40 15.02 9.27
C GLU A 273 0.18 13.93 10.21
N GLN A 274 0.87 14.34 11.26
CA GLN A 274 1.53 13.39 12.17
C GLN A 274 0.55 12.65 13.08
N VAL A 275 -0.42 13.38 13.63
CA VAL A 275 -1.47 12.74 14.43
C VAL A 275 -2.29 11.76 13.59
N GLU A 276 -2.52 12.13 12.33
CA GLU A 276 -3.21 11.25 11.40
C GLU A 276 -2.40 9.98 11.21
N ALA A 277 -1.10 10.13 10.97
CA ALA A 277 -0.23 8.98 10.75
C ALA A 277 -0.11 8.07 11.97
N TYR A 278 -0.21 8.65 13.16
CA TYR A 278 -0.21 7.87 14.40
C TYR A 278 -1.51 7.10 14.60
N GLY A 279 -2.59 7.55 13.96
CA GLY A 279 -3.87 6.87 14.00
C GLY A 279 -4.93 7.53 14.85
N TYR A 280 -4.74 8.79 15.21
CA TYR A 280 -5.69 9.50 16.06
C TYR A 280 -6.31 10.70 15.35
N GLY A 281 -6.39 10.65 14.02
CA GLY A 281 -7.01 11.71 13.24
C GLY A 281 -8.44 12.07 13.63
N ASP A 282 -9.24 11.07 13.98
CA ASP A 282 -10.61 11.31 14.40
C ASP A 282 -10.71 12.06 15.75
N TRP A 283 -9.65 12.02 16.55
CA TRP A 283 -9.68 12.68 17.88
C TRP A 283 -9.41 14.19 17.85
N VAL A 284 -8.84 14.70 16.77
CA VAL A 284 -8.31 16.06 16.79
C VAL A 284 -8.96 16.89 15.72
N LEU A 285 -9.06 18.18 15.99
CA LEU A 285 -9.60 19.12 15.02
C LEU A 285 -9.06 20.51 15.29
N PHE A 286 -9.21 21.36 14.28
CA PHE A 286 -8.81 22.75 14.39
C PHE A 286 -9.91 23.63 14.96
N ASP A 287 -9.55 24.51 15.88
CA ASP A 287 -10.48 25.52 16.40
C ASP A 287 -9.76 26.83 16.73
N ALA A 288 -10.03 27.85 15.94
CA ALA A 288 -9.32 29.13 16.01
C ALA A 288 -9.65 29.97 17.25
N SER A 289 -10.70 29.59 17.96
CA SER A 289 -11.07 30.27 19.20
C SER A 289 -10.23 29.82 20.41
N VAL A 290 -9.47 28.73 20.30
CA VAL A 290 -8.71 28.22 21.43
C VAL A 290 -7.37 28.94 21.58
N VAL A 291 -7.22 29.68 22.68
CA VAL A 291 -5.94 30.32 22.99
C VAL A 291 -5.35 29.91 24.35
N ARG A 292 -6.21 29.43 25.26
CA ARG A 292 -5.87 29.12 26.66
C ARG A 292 -5.67 30.38 27.50
N GLY A 293 -5.76 30.22 28.81
CA GLY A 293 -5.71 31.35 29.73
C GLY A 293 -4.33 31.70 30.25
N LEU A 294 -3.32 30.90 29.92
CA LEU A 294 -1.98 31.11 30.48
C LEU A 294 -1.13 32.04 29.63
N ALA A 295 -0.41 32.92 30.30
CA ALA A 295 0.38 33.96 29.64
C ALA A 295 1.47 33.39 28.74
N TYR A 296 2.01 32.23 29.11
CA TYR A 296 3.30 31.80 28.58
C TYR A 296 3.26 30.97 27.30
N TYR A 297 2.08 30.59 26.82
CA TYR A 297 2.02 29.81 25.57
C TYR A 297 2.40 30.69 24.36
N THR A 298 3.24 30.14 23.49
CA THR A 298 3.78 30.89 22.36
C THR A 298 3.40 30.34 20.99
N GLY A 299 3.05 29.07 20.93
CA GLY A 299 2.81 28.41 19.65
C GLY A 299 1.51 27.66 19.69
N ILE A 300 1.55 26.39 19.32
CA ILE A 300 0.38 25.53 19.35
C ILE A 300 -0.22 25.43 20.75
N VAL A 301 -1.54 25.53 20.84
CA VAL A 301 -2.27 25.30 22.07
C VAL A 301 -3.41 24.32 21.79
N PHE A 302 -3.84 23.61 22.82
CA PHE A 302 -4.92 22.64 22.66
C PHE A 302 -5.71 22.41 23.93
N GLU A 303 -6.95 21.95 23.77
CA GLU A 303 -7.76 21.52 24.90
C GLU A 303 -8.75 20.43 24.53
N GLY A 304 -8.95 19.52 25.49
CA GLY A 304 -9.83 18.37 25.32
C GLY A 304 -11.23 18.74 25.72
N PHE A 305 -12.20 18.15 25.05
CA PHE A 305 -13.59 18.49 25.31
C PHE A 305 -14.47 17.30 25.03
N ASP A 306 -15.61 17.24 25.69
CA ASP A 306 -16.58 16.19 25.39
C ASP A 306 -17.42 16.65 24.22
N ARG A 307 -17.65 15.73 23.30
CA ARG A 307 -18.44 16.02 22.11
C ARG A 307 -19.95 16.21 22.33
N GLU A 308 -20.42 16.18 23.57
CA GLU A 308 -21.81 16.51 23.90
C GLU A 308 -22.00 17.94 24.42
N GLY A 309 -20.89 18.63 24.67
CA GLY A 309 -20.94 20.00 25.18
C GLY A 309 -21.46 20.14 26.60
N LYS A 310 -21.26 19.11 27.40
CA LYS A 310 -21.78 19.06 28.76
C LYS A 310 -20.78 19.47 29.84
N PHE A 311 -19.49 19.33 29.57
CA PHE A 311 -18.49 19.52 30.61
C PHE A 311 -17.46 20.57 30.24
N ARG A 312 -16.75 21.05 31.25
CA ARG A 312 -15.62 21.95 31.05
C ARG A 312 -14.46 21.18 30.39
N ALA A 313 -13.38 21.88 30.06
CA ALA A 313 -12.24 21.26 29.40
C ALA A 313 -11.66 20.08 30.19
N LEU A 314 -11.35 19.00 29.50
CA LEU A 314 -10.82 17.79 30.12
C LEU A 314 -9.32 17.91 30.37
N CYS A 315 -8.65 18.65 29.50
CA CYS A 315 -7.23 18.90 29.61
C CYS A 315 -6.88 20.09 28.76
N GLY A 316 -5.69 20.63 28.99
CA GLY A 316 -5.24 21.81 28.26
C GLY A 316 -3.74 21.98 28.27
N GLY A 317 -3.20 22.52 27.19
CA GLY A 317 -1.76 22.67 27.08
C GLY A 317 -1.31 23.44 25.86
N GLY A 318 0.00 23.37 25.61
CA GLY A 318 0.61 24.12 24.52
C GLY A 318 2.11 24.26 24.64
N ARG A 319 2.68 24.94 23.64
CA ARG A 319 4.09 25.26 23.57
C ARG A 319 4.36 26.56 24.31
N TYR A 320 5.43 26.58 25.08
CA TYR A 320 5.87 27.75 25.81
C TYR A 320 7.40 27.88 25.72
N ASP A 321 7.87 28.46 24.61
CA ASP A 321 9.30 28.47 24.27
C ASP A 321 10.13 29.55 24.96
N ASN A 322 9.48 30.54 25.56
CA ASN A 322 10.19 31.64 26.20
C ASN A 322 10.20 31.60 27.72
N LEU A 323 9.37 30.75 28.33
CA LEU A 323 9.23 30.71 29.78
C LEU A 323 10.57 30.63 30.50
N LEU A 324 11.42 29.71 30.06
CA LEU A 324 12.70 29.48 30.72
C LEU A 324 13.65 30.65 30.48
N THR A 325 13.50 31.33 29.33
CA THR A 325 14.20 32.59 29.10
C THR A 325 13.75 33.70 30.07
N THR A 326 12.45 33.77 30.38
CA THR A 326 11.96 34.80 31.30
C THR A 326 12.45 34.54 32.72
N TYR A 327 12.60 33.27 33.08
CA TYR A 327 13.20 32.92 34.36
C TYR A 327 14.71 33.10 34.40
N GLY A 328 15.33 33.42 33.26
CA GLY A 328 16.73 33.76 33.21
C GLY A 328 17.65 32.72 32.60
N SER A 329 17.10 31.72 31.90
CA SER A 329 17.95 30.76 31.19
C SER A 329 18.85 31.52 30.23
N PRO A 330 20.18 31.28 30.27
CA PRO A 330 21.06 31.96 29.32
C PRO A 330 20.84 31.53 27.87
N THR A 331 20.18 30.40 27.64
CA THR A 331 19.85 29.97 26.29
C THR A 331 18.38 29.59 26.21
N PRO A 332 17.71 29.95 25.10
CA PRO A 332 16.29 29.58 24.96
C PRO A 332 16.11 28.06 24.98
N ILE A 333 15.10 27.61 25.71
CA ILE A 333 14.82 26.20 25.80
C ILE A 333 13.36 25.97 25.40
N PRO A 334 13.14 25.29 24.25
CA PRO A 334 11.79 25.02 23.83
C PRO A 334 11.11 24.03 24.75
N CYS A 335 9.84 24.26 25.03
CA CYS A 335 9.05 23.39 25.88
C CYS A 335 7.63 23.31 25.38
N ALA A 336 6.94 22.25 25.75
CA ALA A 336 5.52 22.11 25.50
C ALA A 336 4.98 21.04 26.42
N GLY A 337 3.73 21.18 26.79
CA GLY A 337 3.09 20.19 27.64
C GLY A 337 1.64 20.50 27.93
N PHE A 338 1.07 19.72 28.84
CA PHE A 338 -0.31 19.91 29.23
C PHE A 338 -0.60 19.48 30.65
N GLY A 339 -1.78 19.87 31.10
CA GLY A 339 -2.34 19.45 32.35
C GLY A 339 -3.69 18.82 32.07
N PHE A 340 -4.04 17.84 32.90
CA PHE A 340 -5.19 16.99 32.71
C PHE A 340 -5.71 16.76 34.11
N GLY A 341 -6.79 17.45 34.44
CA GLY A 341 -7.36 17.45 35.79
C GLY A 341 -8.03 16.13 36.14
N ASP A 342 -8.32 15.96 37.43
CA ASP A 342 -8.91 14.71 37.93
C ASP A 342 -10.41 14.76 38.22
N CYS A 343 -11.06 15.91 38.02
CA CYS A 343 -12.48 16.06 38.35
CA CYS A 343 -12.46 16.06 38.38
C CYS A 343 -13.40 15.92 37.15
N VAL A 344 -13.11 16.66 36.08
CA VAL A 344 -13.99 16.65 34.91
C VAL A 344 -14.03 15.29 34.24
N ILE A 345 -12.86 14.69 34.04
CA ILE A 345 -12.78 13.34 33.47
C ILE A 345 -13.65 12.35 34.22
N VAL A 346 -13.67 12.43 35.54
CA VAL A 346 -14.42 11.49 36.36
C VAL A 346 -15.91 11.69 36.13
N GLU A 347 -16.34 12.95 36.09
CA GLU A 347 -17.73 13.28 35.77
C GLU A 347 -18.15 12.73 34.39
N LEU A 348 -17.28 12.89 33.41
CA LEU A 348 -17.55 12.35 32.08
C LEU A 348 -17.67 10.84 32.15
N LEU A 349 -16.70 10.19 32.79
CA LEU A 349 -16.70 8.74 32.90
C LEU A 349 -17.94 8.21 33.63
N GLN A 350 -18.39 8.91 34.68
CA GLN A 350 -19.62 8.55 35.38
C GLN A 350 -20.84 8.64 34.46
N GLU A 351 -20.94 9.72 33.67
CA GLU A 351 -22.05 9.87 32.71
C GLU A 351 -22.06 8.74 31.68
N LYS A 352 -20.88 8.37 31.19
CA LYS A 352 -20.75 7.32 30.18
C LYS A 352 -20.77 5.91 30.80
N ARG A 353 -20.96 5.82 32.12
CA ARG A 353 -21.06 4.56 32.86
C ARG A 353 -19.78 3.73 32.75
N LEU A 354 -18.65 4.42 32.79
CA LEU A 354 -17.34 3.80 32.68
C LEU A 354 -16.59 3.80 34.03
N LEU A 355 -17.32 4.02 35.12
CA LEU A 355 -16.74 3.95 36.46
C LEU A 355 -17.59 3.11 37.39
N PRO A 356 -17.79 1.83 37.04
CA PRO A 356 -18.48 0.99 38.01
C PRO A 356 -17.62 0.87 39.26
N ASP A 357 -18.26 0.65 40.40
CA ASP A 357 -17.55 0.34 41.63
C ASP A 357 -16.68 -0.87 41.36
N ILE A 358 -15.42 -0.81 41.77
CA ILE A 358 -14.55 -1.98 41.76
C ILE A 358 -14.40 -2.39 43.22
N PRO A 359 -15.03 -3.51 43.62
CA PRO A 359 -14.89 -3.88 45.02
C PRO A 359 -13.45 -4.21 45.38
N HIS A 360 -13.10 -4.07 46.65
CA HIS A 360 -11.81 -4.54 47.14
C HIS A 360 -11.73 -6.05 46.93
N VAL A 361 -10.53 -6.52 46.59
CA VAL A 361 -10.29 -7.94 46.45
C VAL A 361 -9.02 -8.31 47.21
N VAL A 362 -8.97 -9.57 47.60
CA VAL A 362 -7.78 -10.17 48.16
C VAL A 362 -7.82 -11.64 47.72
N ASP A 363 -6.65 -12.24 47.50
CA ASP A 363 -6.61 -13.63 47.00
C ASP A 363 -7.12 -14.62 48.04
N ASP A 364 -6.55 -14.57 49.25
CA ASP A 364 -6.85 -15.54 50.30
C ASP A 364 -7.28 -14.93 51.62
N VAL A 365 -8.23 -15.59 52.27
CA VAL A 365 -8.53 -15.31 53.67
C VAL A 365 -8.33 -16.58 54.49
N VAL A 366 -7.38 -16.51 55.41
CA VAL A 366 -7.01 -17.64 56.24
C VAL A 366 -7.86 -17.61 57.49
N ILE A 367 -8.52 -18.73 57.77
CA ILE A 367 -9.47 -18.81 58.87
C ILE A 367 -9.03 -19.88 59.86
N PRO A 368 -8.64 -19.44 61.06
CA PRO A 368 -8.38 -20.42 62.12
C PRO A 368 -9.68 -21.07 62.54
N PHE A 369 -9.69 -22.39 62.68
CA PHE A 369 -10.89 -23.08 63.15
C PHE A 369 -11.28 -22.55 64.53
N ASP A 370 -10.28 -22.28 65.36
CA ASP A 370 -10.48 -21.67 66.68
C ASP A 370 -9.13 -21.08 67.09
N GLU A 371 -9.04 -20.47 68.26
CA GLU A 371 -7.82 -19.75 68.65
C GLU A 371 -6.60 -20.64 68.77
N SER A 372 -6.79 -21.90 69.15
CA SER A 372 -5.66 -22.83 69.27
C SER A 372 -4.94 -23.04 67.93
N MET A 373 -5.63 -22.83 66.83
CA MET A 373 -5.04 -22.99 65.49
C MET A 373 -4.36 -21.74 64.96
N ARG A 374 -4.42 -20.64 65.73
CA ARG A 374 -3.91 -19.36 65.24
C ARG A 374 -2.43 -19.44 64.86
N PRO A 375 -1.60 -20.01 65.74
CA PRO A 375 -0.19 -20.15 65.35
C PRO A 375 0.00 -20.89 64.03
N HIS A 376 -0.74 -21.98 63.82
CA HIS A 376 -0.64 -22.72 62.57
C HIS A 376 -1.14 -21.86 61.39
N ALA A 377 -2.27 -21.20 61.59
CA ALA A 377 -2.83 -20.32 60.57
C ALA A 377 -1.87 -19.19 60.18
N LEU A 378 -1.08 -18.73 61.13
CA LEU A 378 -0.12 -17.67 60.87
C LEU A 378 1.01 -18.16 59.97
N ALA A 379 1.49 -19.37 60.23
CA ALA A 379 2.51 -19.98 59.38
C ALA A 379 2.00 -20.15 57.93
N VAL A 380 0.74 -20.52 57.77
CA VAL A 380 0.13 -20.65 56.44
C VAL A 380 0.08 -19.26 55.75
N LEU A 381 -0.41 -18.27 56.47
CA LEU A 381 -0.45 -16.89 56.00
C LEU A 381 0.90 -16.42 55.51
N ARG A 382 1.95 -16.66 56.30
CA ARG A 382 3.32 -16.38 55.88
C ARG A 382 3.61 -16.98 54.49
N ARG A 383 3.34 -18.27 54.33
CA ARG A 383 3.69 -18.98 53.08
C ARG A 383 2.93 -18.40 51.89
N LEU A 384 1.64 -18.15 52.08
CA LEU A 384 0.82 -17.54 51.04
C LEU A 384 1.39 -16.21 50.56
N ARG A 385 1.76 -15.36 51.50
CA ARG A 385 2.32 -14.06 51.18
C ARG A 385 3.70 -14.16 50.52
N ASP A 386 4.51 -15.10 50.97
CA ASP A 386 5.84 -15.35 50.39
C ASP A 386 5.77 -15.66 48.90
N ALA A 387 4.66 -16.26 48.47
CA ALA A 387 4.49 -16.61 47.06
C ALA A 387 3.87 -15.49 46.21
N GLY A 388 3.67 -14.32 46.80
CA GLY A 388 3.16 -13.16 46.06
C GLY A 388 1.66 -13.01 46.09
N ARG A 389 1.00 -13.77 46.95
CA ARG A 389 -0.45 -13.64 47.07
C ARG A 389 -0.80 -12.56 48.07
N SER A 390 -1.97 -11.95 47.88
CA SER A 390 -2.53 -11.04 48.87
C SER A 390 -3.42 -11.87 49.78
N ALA A 391 -3.24 -11.75 51.08
CA ALA A 391 -3.91 -12.61 52.03
C ALA A 391 -4.20 -11.91 53.34
N ASP A 392 -5.39 -12.16 53.89
CA ASP A 392 -5.73 -11.75 55.23
C ASP A 392 -5.75 -12.95 56.14
N ILE A 393 -5.70 -12.67 57.45
CA ILE A 393 -6.08 -13.64 58.45
C ILE A 393 -7.15 -13.04 59.32
N ILE A 394 -8.08 -13.88 59.75
CA ILE A 394 -9.11 -13.42 60.63
C ILE A 394 -8.43 -13.01 61.94
N LEU A 395 -8.57 -11.74 62.31
CA LEU A 395 -7.79 -11.20 63.42
C LEU A 395 -8.44 -11.42 64.79
N ASP A 396 -9.73 -11.14 64.91
CA ASP A 396 -10.44 -11.33 66.20
C ASP A 396 -11.04 -12.73 66.24
N LYS A 397 -11.68 -13.05 67.35
CA LYS A 397 -12.30 -14.36 67.58
C LYS A 397 -13.62 -14.38 66.84
N LYS A 398 -13.85 -15.38 66.00
CA LYS A 398 -15.20 -15.61 65.45
C LYS A 398 -15.46 -17.00 64.86
N LYS A 399 -16.73 -17.38 64.82
CA LYS A 399 -17.16 -18.63 64.23
C LYS A 399 -16.83 -18.68 62.74
N VAL A 400 -16.63 -19.90 62.24
CA VAL A 400 -16.21 -20.12 60.86
C VAL A 400 -17.17 -19.52 59.83
N VAL A 401 -18.47 -19.72 60.02
CA VAL A 401 -19.48 -19.17 59.12
C VAL A 401 -19.41 -17.63 59.04
N GLN A 402 -19.17 -16.97 60.19
CA GLN A 402 -18.95 -15.52 60.20
C GLN A 402 -17.61 -15.15 59.57
N ALA A 403 -16.59 -15.97 59.79
CA ALA A 403 -15.30 -15.76 59.13
C ALA A 403 -15.47 -15.84 57.60
N PHE A 404 -16.24 -16.82 57.15
CA PHE A 404 -16.52 -16.97 55.72
C PHE A 404 -17.33 -15.79 55.17
N ASN A 405 -18.31 -15.31 55.92
CA ASN A 405 -19.07 -14.13 55.52
C ASN A 405 -18.12 -12.94 55.33
N TYR A 406 -17.16 -12.80 56.23
CA TYR A 406 -16.20 -11.72 56.16
C TYR A 406 -15.30 -11.87 54.93
N ALA A 407 -14.87 -13.09 54.66
CA ALA A 407 -14.13 -13.40 53.44
C ALA A 407 -14.88 -12.89 52.21
N ASP A 408 -16.17 -13.22 52.11
CA ASP A 408 -16.97 -12.73 51.00
C ASP A 408 -17.06 -11.20 50.97
N ARG A 409 -17.19 -10.58 52.13
CA ARG A 409 -17.33 -9.12 52.22
C ARG A 409 -16.09 -8.41 51.71
N VAL A 410 -14.90 -8.91 52.04
CA VAL A 410 -13.67 -8.30 51.53
C VAL A 410 -13.28 -8.75 50.12
N GLY A 411 -14.11 -9.58 49.50
CA GLY A 411 -13.88 -10.01 48.11
C GLY A 411 -12.71 -10.97 47.98
N ALA A 412 -12.67 -11.96 48.86
CA ALA A 412 -11.65 -13.01 48.79
C ALA A 412 -11.99 -13.96 47.66
N VAL A 413 -10.97 -14.40 46.93
CA VAL A 413 -11.13 -15.39 45.88
C VAL A 413 -11.19 -16.76 46.52
N ARG A 414 -10.59 -16.91 47.69
CA ARG A 414 -10.43 -18.22 48.31
C ARG A 414 -10.36 -18.13 49.83
N ALA A 415 -11.05 -19.05 50.51
CA ALA A 415 -10.95 -19.19 51.96
C ALA A 415 -10.14 -20.43 52.33
N VAL A 416 -9.16 -20.25 53.19
CA VAL A 416 -8.29 -21.32 53.65
C VAL A 416 -8.55 -21.57 55.14
N LEU A 417 -9.35 -22.59 55.43
CA LEU A 417 -9.68 -22.96 56.80
C LEU A 417 -8.57 -23.83 57.39
N VAL A 418 -7.98 -23.38 58.49
CA VAL A 418 -6.92 -24.14 59.18
C VAL A 418 -7.52 -24.85 60.40
N ALA A 419 -7.82 -26.14 60.24
CA ALA A 419 -8.53 -26.93 61.25
C ALA A 419 -7.67 -28.09 61.75
N PRO A 420 -7.91 -28.51 63.01
CA PRO A 420 -7.01 -29.48 63.66
C PRO A 420 -6.87 -30.82 62.93
N GLU A 421 -7.96 -31.40 62.44
CA GLU A 421 -7.87 -32.74 61.83
C GLU A 421 -7.02 -32.71 60.56
N GLU A 422 -7.26 -31.71 59.73
CA GLU A 422 -6.53 -31.58 58.47
C GLU A 422 -5.06 -31.29 58.74
N TRP A 423 -4.80 -30.45 59.74
CA TRP A 423 -3.44 -30.06 60.07
C TRP A 423 -2.56 -31.28 60.40
N GLU A 424 -3.11 -32.25 61.13
CA GLU A 424 -2.36 -33.46 61.48
C GLU A 424 -2.07 -34.34 60.26
N ARG A 425 -2.79 -34.13 59.16
CA ARG A 425 -2.50 -34.78 57.89
C ARG A 425 -1.60 -33.93 56.99
N GLY A 426 -1.07 -32.82 57.53
CA GLY A 426 -0.30 -31.87 56.73
C GLY A 426 -1.14 -31.10 55.72
N GLU A 427 -2.39 -30.83 56.06
CA GLU A 427 -3.34 -30.25 55.12
C GLU A 427 -4.14 -29.06 55.70
N VAL A 428 -4.75 -28.29 54.80
CA VAL A 428 -5.80 -27.34 55.17
C VAL A 428 -7.02 -27.59 54.30
N GLN A 429 -8.13 -26.93 54.65
CA GLN A 429 -9.35 -27.02 53.87
C GLN A 429 -9.57 -25.73 53.10
N VAL A 430 -9.79 -25.86 51.80
CA VAL A 430 -9.88 -24.72 50.89
C VAL A 430 -11.26 -24.63 50.24
N LYS A 431 -11.79 -23.43 50.15
CA LYS A 431 -13.07 -23.20 49.50
C LYS A 431 -12.95 -22.01 48.57
N MET A 432 -13.41 -22.18 47.34
CA MET A 432 -13.40 -21.10 46.36
C MET A 432 -14.66 -20.24 46.54
N LEU A 433 -14.48 -18.93 46.47
CA LEU A 433 -15.56 -17.96 46.69
C LEU A 433 -16.22 -17.51 45.39
N ARG A 434 -15.39 -17.19 44.40
CA ARG A 434 -15.83 -16.44 43.23
C ARG A 434 -15.42 -17.18 41.95
N GLY A 447 -16.00 -27.36 49.57
CA GLY A 447 -14.67 -27.30 50.18
C GLY A 447 -13.93 -28.63 50.12
N PHE A 448 -12.61 -28.62 50.29
CA PHE A 448 -11.81 -29.86 50.30
C PHE A 448 -10.40 -29.68 50.82
N ALA A 449 -9.77 -30.81 51.16
CA ALA A 449 -8.45 -30.80 51.76
C ALA A 449 -7.35 -30.58 50.72
N VAL A 450 -6.27 -29.91 51.14
CA VAL A 450 -5.14 -29.61 50.25
C VAL A 450 -3.83 -29.69 51.04
N PRO A 451 -2.81 -30.39 50.51
CA PRO A 451 -1.52 -30.39 51.19
C PRO A 451 -0.94 -28.99 51.27
N LEU A 452 -0.24 -28.68 52.36
CA LEU A 452 0.23 -27.32 52.60
C LEU A 452 1.13 -26.77 51.49
N ASP A 453 1.94 -27.63 50.88
CA ASP A 453 2.87 -27.19 49.84
C ASP A 453 2.19 -26.88 48.52
N ARG A 454 0.99 -27.44 48.32
CA ARG A 454 0.24 -27.24 47.07
C ARG A 454 -0.67 -26.02 47.11
N LEU A 455 -0.68 -25.28 48.21
CA LEU A 455 -1.49 -24.07 48.32
C LEU A 455 -1.02 -22.98 47.37
N VAL A 456 0.28 -22.91 47.12
CA VAL A 456 0.87 -21.80 46.38
C VAL A 456 1.33 -22.22 45.00
N MET B 26 -11.03 -15.02 0.63
CA MET B 26 -10.66 -15.43 -0.75
C MET B 26 -9.89 -14.30 -1.48
N VAL B 27 -8.81 -14.68 -2.19
CA VAL B 27 -8.01 -13.74 -2.98
C VAL B 27 -8.55 -13.59 -4.40
N GLU B 28 -7.98 -12.64 -5.14
CA GLU B 28 -8.44 -12.37 -6.49
C GLU B 28 -7.94 -13.50 -7.41
N THR B 29 -8.89 -14.24 -7.97
CA THR B 29 -8.56 -15.35 -8.86
C THR B 29 -8.33 -14.89 -10.30
N GLU B 30 -8.85 -13.71 -10.66
CA GLU B 30 -8.68 -13.20 -12.02
C GLU B 30 -7.26 -12.66 -12.21
N PRO B 31 -6.72 -12.77 -13.43
CA PRO B 31 -5.40 -12.20 -13.72
C PRO B 31 -5.44 -10.67 -13.73
N VAL B 32 -4.27 -10.05 -13.81
CA VAL B 32 -4.20 -8.61 -13.92
C VAL B 32 -4.90 -8.20 -15.21
N GLN B 33 -5.65 -7.11 -15.10
CA GLN B 33 -6.37 -6.45 -16.19
C GLN B 33 -5.69 -6.56 -17.55
N GLY B 34 -6.40 -7.16 -18.51
CA GLY B 34 -5.90 -7.28 -19.88
C GLY B 34 -4.77 -8.27 -20.08
N CYS B 35 -4.58 -9.17 -19.11
CA CYS B 35 -3.60 -10.26 -19.25
C CYS B 35 -4.30 -11.59 -19.19
N ARG B 36 -3.81 -12.56 -19.94
CA ARG B 36 -4.44 -13.86 -20.05
C ARG B 36 -3.75 -14.93 -19.21
N ASP B 37 -4.57 -15.79 -18.60
CA ASP B 37 -4.11 -17.05 -18.02
C ASP B 37 -4.14 -18.15 -19.07
N PHE B 38 -3.27 -19.14 -18.92
CA PHE B 38 -3.27 -20.32 -19.78
C PHE B 38 -3.28 -21.59 -18.93
N PRO B 39 -4.45 -21.96 -18.39
CA PRO B 39 -4.54 -23.28 -17.80
C PRO B 39 -4.40 -24.33 -18.91
N PRO B 40 -4.26 -25.61 -18.54
CA PRO B 40 -3.85 -26.62 -19.51
C PRO B 40 -4.62 -26.64 -20.82
N GLU B 41 -5.93 -26.45 -20.77
CA GLU B 41 -6.77 -26.48 -21.97
C GLU B 41 -6.36 -25.36 -22.92
N ALA B 42 -6.31 -24.13 -22.40
CA ALA B 42 -5.91 -22.97 -23.19
C ALA B 42 -4.45 -23.08 -23.61
N MET B 43 -3.58 -23.56 -22.71
CA MET B 43 -2.18 -23.76 -23.08
C MET B 43 -2.01 -24.73 -24.26
N ARG B 44 -2.85 -25.75 -24.38
CA ARG B 44 -2.75 -26.70 -25.49
C ARG B 44 -3.01 -26.02 -26.82
N CYS B 45 -3.97 -25.10 -26.83
CA CYS B 45 -4.26 -24.28 -28.00
C CYS B 45 -3.07 -23.40 -28.36
N ARG B 46 -2.51 -22.73 -27.38
CA ARG B 46 -1.35 -21.90 -27.61
C ARG B 46 -0.15 -22.71 -28.10
N ARG B 47 0.05 -23.90 -27.55
CA ARG B 47 1.14 -24.80 -27.99
C ARG B 47 0.94 -25.26 -29.44
N HIS B 48 -0.29 -25.55 -29.79
CA HIS B 48 -0.63 -25.92 -31.15
C HIS B 48 -0.16 -24.83 -32.11
N LEU B 49 -0.39 -23.58 -31.73
CA LEU B 49 -0.04 -22.45 -32.57
C LEU B 49 1.47 -22.24 -32.59
N PHE B 50 2.09 -22.22 -31.42
CA PHE B 50 3.53 -21.99 -31.37
C PHE B 50 4.32 -23.13 -32.06
N ASP B 51 3.80 -24.35 -31.99
CA ASP B 51 4.48 -25.46 -32.66
C ASP B 51 4.55 -25.18 -34.15
N VAL B 52 3.49 -24.58 -34.69
CA VAL B 52 3.51 -24.19 -36.09
C VAL B 52 4.52 -23.08 -36.36
N PHE B 53 4.57 -22.06 -35.50
CA PHE B 53 5.55 -21.01 -35.66
C PHE B 53 6.96 -21.59 -35.66
N HIS B 54 7.28 -22.40 -34.66
CA HIS B 54 8.58 -23.06 -34.61
C HIS B 54 8.86 -23.94 -35.82
N ALA B 55 7.89 -24.75 -36.20
CA ALA B 55 8.10 -25.72 -37.28
C ALA B 55 8.25 -25.00 -38.63
N THR B 56 7.51 -23.90 -38.81
CA THR B 56 7.62 -23.09 -40.00
C THR B 56 9.01 -22.43 -40.05
N ALA B 57 9.45 -21.87 -38.94
CA ALA B 57 10.77 -21.28 -38.88
C ALA B 57 11.85 -22.31 -39.26
N LYS B 58 11.76 -23.51 -38.68
CA LYS B 58 12.72 -24.57 -39.00
C LYS B 58 12.64 -24.99 -40.48
N THR B 59 11.43 -25.19 -40.98
CA THR B 59 11.25 -25.51 -42.39
C THR B 59 11.94 -24.46 -43.29
N PHE B 60 11.89 -23.19 -42.87
CA PHE B 60 12.45 -22.09 -43.64
C PHE B 60 13.90 -21.71 -43.29
N GLY B 61 14.51 -22.43 -42.35
CA GLY B 61 15.90 -22.19 -41.99
C GLY B 61 16.20 -20.97 -41.13
N PHE B 62 15.21 -20.49 -40.37
CA PHE B 62 15.40 -19.35 -39.47
C PHE B 62 15.92 -19.86 -38.12
N GLU B 63 16.69 -19.03 -37.42
CA GLU B 63 17.31 -19.43 -36.14
C GLU B 63 16.64 -18.67 -35.04
N GLU B 64 16.38 -19.36 -33.95
CA GLU B 64 15.70 -18.75 -32.82
C GLU B 64 16.60 -17.83 -32.01
N TYR B 65 16.03 -16.75 -31.49
CA TYR B 65 16.73 -15.84 -30.58
C TYR B 65 15.74 -15.32 -29.57
N ASP B 66 16.23 -14.63 -28.56
CA ASP B 66 15.35 -13.98 -27.59
C ASP B 66 16.10 -12.83 -26.98
N ALA B 67 15.36 -11.94 -26.32
CA ALA B 67 15.93 -10.79 -25.65
C ALA B 67 15.01 -10.39 -24.49
N PRO B 68 15.47 -9.49 -23.62
CA PRO B 68 14.67 -9.22 -22.45
C PRO B 68 13.39 -8.48 -22.79
N VAL B 69 12.29 -8.90 -22.20
CA VAL B 69 11.02 -8.21 -22.31
C VAL B 69 11.16 -6.74 -21.82
N LEU B 70 12.07 -6.53 -20.87
CA LEU B 70 12.37 -5.21 -20.38
C LEU B 70 13.52 -4.63 -21.19
N GLU B 71 13.26 -3.54 -21.90
CA GLU B 71 14.28 -2.85 -22.68
C GLU B 71 14.30 -1.38 -22.25
N SER B 72 15.36 -0.68 -22.63
CA SER B 72 15.47 0.75 -22.38
C SER B 72 14.40 1.48 -23.18
N GLU B 73 13.81 2.48 -22.54
CA GLU B 73 12.79 3.32 -23.16
C GLU B 73 13.30 4.02 -24.41
N GLU B 74 14.54 4.51 -24.35
CA GLU B 74 15.21 5.20 -25.48
C GLU B 74 15.10 4.44 -26.80
N LEU B 75 14.93 3.13 -26.72
CA LEU B 75 14.89 2.29 -27.89
C LEU B 75 13.63 2.50 -28.74
N TYR B 76 12.56 3.02 -28.13
CA TYR B 76 11.26 3.18 -28.82
C TYR B 76 10.82 4.63 -29.03
N ILE B 77 11.70 5.58 -28.74
CA ILE B 77 11.37 6.99 -28.93
C ILE B 77 11.71 7.40 -30.37
N ARG B 78 10.79 7.15 -31.30
CA ARG B 78 11.00 7.45 -32.71
C ARG B 78 10.32 8.73 -33.19
N LYS B 79 9.50 9.33 -32.34
CA LYS B 79 8.92 10.66 -32.58
C LYS B 79 8.18 10.81 -33.92
N ALA B 80 7.46 9.77 -34.32
CA ALA B 80 6.68 9.79 -35.55
C ALA B 80 5.18 9.61 -35.30
N GLY B 81 4.77 9.67 -34.03
CA GLY B 81 3.36 9.51 -33.66
C GLY B 81 2.81 8.11 -33.89
N GLU B 82 3.68 7.09 -33.84
CA GLU B 82 3.25 5.70 -34.06
C GLU B 82 2.41 5.21 -32.90
N GLU B 83 1.43 4.38 -33.19
CA GLU B 83 0.53 3.88 -32.16
C GLU B 83 1.26 3.03 -31.13
N ILE B 84 2.14 2.13 -31.58
CA ILE B 84 2.75 1.19 -30.65
C ILE B 84 3.77 1.85 -29.71
N THR B 85 4.35 2.97 -30.12
CA THR B 85 5.20 3.76 -29.22
C THR B 85 4.36 4.70 -28.35
N GLU B 86 3.25 5.20 -28.88
CA GLU B 86 2.30 6.01 -28.09
C GLU B 86 1.70 5.24 -26.92
N GLN B 87 1.42 3.95 -27.15
CA GLN B 87 0.73 3.11 -26.18
C GLN B 87 1.71 2.20 -25.45
N MET B 88 2.90 2.72 -25.16
CA MET B 88 3.98 1.90 -24.65
C MET B 88 3.90 1.82 -23.13
N PHE B 89 3.96 0.58 -22.63
CA PHE B 89 3.83 0.25 -21.21
C PHE B 89 5.18 0.51 -20.57
N ASN B 90 5.46 1.77 -20.26
CA ASN B 90 6.75 2.14 -19.68
C ASN B 90 6.64 2.48 -18.19
N PHE B 91 7.78 2.48 -17.51
CA PHE B 91 7.87 2.88 -16.12
C PHE B 91 9.32 3.20 -15.77
N ILE B 92 9.56 3.55 -14.51
CA ILE B 92 10.89 3.93 -14.04
C ILE B 92 11.31 3.00 -12.91
N THR B 93 12.55 2.49 -12.98
CA THR B 93 13.10 1.62 -11.94
C THR B 93 13.30 2.42 -10.66
N LYS B 94 13.50 1.72 -9.54
CA LYS B 94 13.81 2.37 -8.26
C LYS B 94 15.08 3.21 -8.36
N GLY B 95 16.02 2.77 -9.20
CA GLY B 95 17.26 3.51 -9.46
C GLY B 95 17.14 4.59 -10.54
N GLY B 96 15.92 4.80 -11.05
CA GLY B 96 15.63 5.94 -11.90
C GLY B 96 15.81 5.73 -13.40
N HIS B 97 16.09 4.49 -13.82
CA HIS B 97 16.31 4.24 -15.23
C HIS B 97 14.99 4.13 -16.01
N ARG B 98 14.95 4.81 -17.16
CA ARG B 98 13.77 4.86 -18.02
C ARG B 98 13.66 3.57 -18.84
N VAL B 99 12.77 2.67 -18.44
CA VAL B 99 12.61 1.37 -19.14
C VAL B 99 11.18 1.18 -19.65
N ALA B 100 11.00 0.14 -20.45
CA ALA B 100 9.70 -0.20 -20.99
C ALA B 100 9.58 -1.69 -21.21
N LEU B 101 8.39 -2.21 -20.98
CA LEU B 101 8.05 -3.53 -21.50
C LEU B 101 7.89 -3.36 -23.01
N ARG B 102 8.60 -4.18 -23.78
CA ARG B 102 8.66 -4.02 -25.23
C ARG B 102 7.27 -3.99 -25.85
N PRO B 103 7.02 -3.00 -26.71
CA PRO B 103 5.78 -3.00 -27.49
C PRO B 103 5.93 -3.79 -28.79
N GLU B 104 7.17 -4.06 -29.18
CA GLU B 104 7.46 -4.83 -30.38
C GLU B 104 8.87 -5.39 -30.21
N MET B 105 9.29 -6.23 -31.15
CA MET B 105 10.58 -6.90 -31.06
C MET B 105 11.69 -6.32 -31.93
N THR B 106 11.31 -5.66 -33.02
CA THR B 106 12.28 -5.28 -34.03
C THR B 106 13.45 -4.43 -33.51
N PRO B 107 13.19 -3.45 -32.64
CA PRO B 107 14.31 -2.70 -32.08
C PRO B 107 15.29 -3.54 -31.25
N SER B 108 14.76 -4.53 -30.52
CA SER B 108 15.60 -5.46 -29.80
C SER B 108 16.51 -6.25 -30.77
N LEU B 109 15.90 -6.79 -31.81
CA LEU B 109 16.64 -7.46 -32.87
C LEU B 109 17.80 -6.58 -33.36
N ALA B 110 17.47 -5.34 -33.68
CA ALA B 110 18.47 -4.41 -34.19
C ALA B 110 19.61 -4.21 -33.19
N ARG B 111 19.28 -4.09 -31.90
CA ARG B 111 20.28 -3.90 -30.86
C ARG B 111 21.26 -5.08 -30.88
N LEU B 112 20.69 -6.29 -30.88
CA LEU B 112 21.45 -7.51 -30.93
C LEU B 112 22.34 -7.58 -32.17
N LEU B 113 21.79 -7.21 -33.33
CA LEU B 113 22.56 -7.21 -34.57
C LEU B 113 23.74 -6.23 -34.48
N LEU B 114 23.48 -5.02 -33.99
CA LEU B 114 24.54 -4.04 -33.83
C LEU B 114 25.61 -4.50 -32.85
N GLY B 115 25.20 -5.16 -31.78
CA GLY B 115 26.14 -5.67 -30.80
C GLY B 115 27.10 -6.67 -31.40
N LYS B 116 26.62 -7.48 -32.33
CA LYS B 116 27.48 -8.44 -33.00
C LYS B 116 28.42 -7.77 -34.01
N GLY B 117 27.91 -6.80 -34.74
CA GLY B 117 28.71 -6.03 -35.70
C GLY B 117 29.24 -6.90 -36.83
N ARG B 118 30.55 -6.85 -37.05
CA ARG B 118 31.18 -7.58 -38.15
C ARG B 118 31.28 -9.09 -37.92
N SER B 119 31.27 -9.53 -36.66
CA SER B 119 31.25 -10.95 -36.34
C SER B 119 29.94 -11.67 -36.80
N LEU B 120 28.88 -10.92 -37.08
CA LEU B 120 27.63 -11.49 -37.58
C LEU B 120 27.77 -11.88 -39.05
N LEU B 121 27.56 -13.16 -39.35
CA LEU B 121 27.64 -13.63 -40.72
C LEU B 121 26.30 -13.38 -41.37
N LEU B 122 26.35 -12.86 -42.58
CA LEU B 122 25.17 -12.45 -43.31
C LEU B 122 25.15 -13.24 -44.61
N PRO B 123 23.98 -13.59 -45.12
CA PRO B 123 22.68 -13.22 -44.55
C PRO B 123 22.30 -13.97 -43.26
N ALA B 124 21.48 -13.34 -42.41
CA ALA B 124 20.97 -13.98 -41.21
C ALA B 124 19.46 -14.03 -41.23
N LYS B 125 18.90 -15.12 -40.71
CA LYS B 125 17.46 -15.32 -40.66
C LYS B 125 17.10 -15.71 -39.24
N TRP B 126 16.55 -14.75 -38.49
CA TRP B 126 16.31 -14.91 -37.07
C TRP B 126 14.82 -14.82 -36.78
N TYR B 127 14.35 -15.64 -35.83
CA TYR B 127 12.94 -15.62 -35.46
C TYR B 127 12.76 -15.69 -33.96
N SER B 128 11.61 -15.25 -33.49
CA SER B 128 11.33 -15.34 -32.07
C SER B 128 9.83 -15.30 -31.84
N ILE B 129 9.41 -15.60 -30.63
CA ILE B 129 8.00 -15.51 -30.27
C ILE B 129 7.82 -14.75 -28.97
N PRO B 130 8.23 -13.47 -28.95
CA PRO B 130 8.12 -12.66 -27.73
C PRO B 130 6.70 -12.29 -27.35
N GLN B 131 6.45 -12.25 -26.05
CA GLN B 131 5.30 -11.54 -25.55
C GLN B 131 5.62 -10.05 -25.67
N CYS B 132 4.66 -9.27 -26.16
CA CYS B 132 4.83 -7.83 -26.28
C CYS B 132 3.67 -7.13 -25.62
N TRP B 133 3.90 -5.88 -25.25
CA TRP B 133 3.06 -5.19 -24.31
C TRP B 133 2.59 -3.83 -24.79
N ARG B 134 1.48 -3.39 -24.21
CA ARG B 134 0.97 -2.06 -24.42
C ARG B 134 0.13 -1.62 -23.21
N TYR B 135 -0.17 -0.33 -23.18
CA TYR B 135 -1.02 0.24 -22.14
C TYR B 135 -1.92 1.31 -22.76
N GLU B 136 -3.19 1.31 -22.37
CA GLU B 136 -4.17 2.30 -22.84
C GLU B 136 -4.90 2.92 -21.66
N ARG B 142 -9.66 -3.93 -22.98
CA ARG B 142 -8.70 -4.18 -24.06
C ARG B 142 -7.47 -4.96 -23.58
N ARG B 143 -6.92 -5.80 -24.46
CA ARG B 143 -5.76 -6.61 -24.14
C ARG B 143 -4.52 -5.73 -23.96
N ARG B 144 -3.74 -6.00 -22.91
CA ARG B 144 -2.48 -5.30 -22.70
C ARG B 144 -1.28 -6.11 -23.16
N GLU B 145 -1.53 -7.30 -23.70
CA GLU B 145 -0.49 -8.28 -23.82
C GLU B 145 -0.79 -9.23 -24.99
N HIS B 146 0.20 -9.48 -25.83
CA HIS B 146 0.06 -10.55 -26.81
C HIS B 146 1.40 -11.19 -27.13
N TYR B 147 1.35 -12.37 -27.75
CA TYR B 147 2.53 -13.02 -28.29
C TYR B 147 2.56 -12.75 -29.76
N GLN B 148 3.77 -12.54 -30.27
CA GLN B 148 3.95 -12.14 -31.63
C GLN B 148 5.14 -12.84 -32.21
N TRP B 149 4.86 -13.74 -33.15
CA TRP B 149 5.90 -14.42 -33.91
C TRP B 149 6.59 -13.37 -34.77
N ASN B 150 7.91 -13.28 -34.67
CA ASN B 150 8.71 -12.36 -35.46
C ASN B 150 9.66 -13.16 -36.33
N MET B 151 9.71 -12.82 -37.61
CA MET B 151 10.60 -13.44 -38.57
C MET B 151 11.29 -12.32 -39.35
N ASP B 152 12.61 -12.34 -39.39
CA ASP B 152 13.36 -11.26 -40.01
C ASP B 152 14.55 -11.82 -40.77
N ILE B 153 14.78 -11.26 -41.96
CA ILE B 153 15.93 -11.58 -42.77
C ILE B 153 16.85 -10.39 -42.87
N VAL B 154 18.14 -10.61 -42.60
CA VAL B 154 19.11 -9.53 -42.44
C VAL B 154 20.22 -9.64 -43.45
N GLY B 155 20.52 -8.57 -44.16
CA GLY B 155 21.64 -8.54 -45.11
C GLY B 155 21.32 -8.95 -46.54
N VAL B 156 20.03 -8.93 -46.88
CA VAL B 156 19.57 -9.26 -48.23
C VAL B 156 18.90 -8.03 -48.86
N LYS B 157 19.59 -7.43 -49.82
CA LYS B 157 19.10 -6.28 -50.58
C LYS B 157 17.83 -6.55 -51.39
N SER B 158 17.74 -7.73 -51.98
CA SER B 158 16.72 -8.02 -52.99
C SER B 158 15.40 -8.53 -52.40
N VAL B 159 14.35 -8.46 -53.24
CA VAL B 159 12.99 -8.84 -52.87
C VAL B 159 12.80 -10.32 -52.56
N SER B 160 13.81 -11.13 -52.85
CA SER B 160 13.82 -12.52 -52.41
C SER B 160 13.59 -12.65 -50.89
N ALA B 161 14.02 -11.66 -50.11
CA ALA B 161 13.77 -11.68 -48.66
C ALA B 161 12.28 -11.59 -48.38
N GLU B 162 11.64 -10.61 -48.99
CA GLU B 162 10.21 -10.40 -48.79
C GLU B 162 9.43 -11.60 -49.32
N VAL B 163 9.92 -12.20 -50.41
CA VAL B 163 9.28 -13.38 -50.98
C VAL B 163 9.25 -14.50 -49.92
N GLU B 164 10.42 -14.79 -49.37
CA GLU B 164 10.57 -15.84 -48.37
C GLU B 164 9.67 -15.58 -47.15
N LEU B 165 9.70 -14.35 -46.68
CA LEU B 165 8.92 -13.96 -45.49
C LEU B 165 7.44 -14.17 -45.72
N VAL B 166 6.96 -13.69 -46.87
CA VAL B 166 5.53 -13.81 -47.18
C VAL B 166 5.17 -15.29 -47.34
N CYS B 167 6.05 -16.06 -47.97
CA CYS B 167 5.79 -17.50 -48.12
C CYS B 167 5.79 -18.19 -46.76
N ALA B 168 6.65 -17.77 -45.86
CA ALA B 168 6.66 -18.31 -44.48
C ALA B 168 5.33 -18.10 -43.81
N ALA B 169 4.79 -16.90 -43.94
CA ALA B 169 3.51 -16.56 -43.31
C ALA B 169 2.36 -17.39 -43.88
N CYS B 170 2.39 -17.63 -45.19
CA CYS B 170 1.40 -18.47 -45.83
C CYS B 170 1.53 -19.91 -45.37
N TRP B 171 2.77 -20.38 -45.30
CA TRP B 171 3.07 -21.75 -44.85
C TRP B 171 2.49 -22.02 -43.46
N ALA B 172 2.67 -21.06 -42.55
CA ALA B 172 2.18 -21.18 -41.20
C ALA B 172 0.66 -21.30 -41.20
N MET B 173 0.01 -20.44 -41.97
CA MET B 173 -1.45 -20.48 -42.02
C MET B 173 -1.92 -21.76 -42.68
N ARG B 174 -1.25 -22.18 -43.75
CA ARG B 174 -1.54 -23.46 -44.37
C ARG B 174 -1.44 -24.59 -43.34
N SER B 175 -0.39 -24.54 -42.52
CA SER B 175 -0.12 -25.57 -41.51
C SER B 175 -1.21 -25.64 -40.42
N LEU B 176 -1.87 -24.53 -40.16
CA LEU B 176 -2.99 -24.50 -39.22
C LEU B 176 -4.33 -24.91 -39.83
N GLY B 177 -4.35 -25.22 -41.12
CA GLY B 177 -5.55 -25.68 -41.82
C GLY B 177 -6.19 -24.64 -42.73
N LEU B 178 -5.62 -23.45 -42.81
CA LEU B 178 -6.16 -22.41 -43.67
C LEU B 178 -5.72 -22.62 -45.11
N SER B 179 -6.55 -22.15 -46.05
CA SER B 179 -6.21 -22.16 -47.47
C SER B 179 -6.23 -20.74 -48.04
N SER B 180 -5.82 -20.60 -49.29
CA SER B 180 -5.86 -19.31 -49.95
C SER B 180 -7.30 -18.83 -50.18
N LYS B 181 -8.28 -19.73 -50.06
CA LYS B 181 -9.69 -19.33 -50.02
C LYS B 181 -10.04 -18.58 -48.74
N ASP B 182 -9.37 -18.91 -47.65
CA ASP B 182 -9.65 -18.30 -46.35
C ASP B 182 -8.92 -16.98 -46.11
N VAL B 183 -7.67 -16.90 -46.54
CA VAL B 183 -6.82 -15.74 -46.23
C VAL B 183 -6.00 -15.33 -47.46
N GLY B 184 -5.50 -14.11 -47.40
CA GLY B 184 -4.57 -13.60 -48.39
C GLY B 184 -3.54 -12.68 -47.75
N ILE B 185 -2.56 -12.26 -48.55
CA ILE B 185 -1.59 -11.26 -48.13
C ILE B 185 -1.61 -10.10 -49.13
N LYS B 186 -1.94 -8.90 -48.63
CA LYS B 186 -1.93 -7.69 -49.41
C LYS B 186 -0.52 -7.15 -49.42
N VAL B 187 -0.06 -6.72 -50.60
CA VAL B 187 1.35 -6.33 -50.79
C VAL B 187 1.47 -5.00 -51.54
N ASN B 188 2.40 -4.16 -51.09
CA ASN B 188 2.61 -2.84 -51.68
C ASN B 188 4.07 -2.42 -51.48
N SER B 189 4.50 -1.32 -52.07
CA SER B 189 5.78 -0.69 -51.76
C SER B 189 5.59 0.78 -51.40
N ARG B 190 6.19 1.20 -50.29
CA ARG B 190 6.18 2.61 -49.87
C ARG B 190 6.96 3.53 -50.80
N LYS B 191 7.81 2.96 -51.65
CA LYS B 191 8.58 3.76 -52.60
C LYS B 191 7.72 4.55 -53.58
N VAL B 192 6.56 4.00 -53.94
CA VAL B 192 5.63 4.70 -54.83
C VAL B 192 5.24 6.00 -54.18
N LEU B 193 4.83 5.90 -52.92
CA LEU B 193 4.40 7.06 -52.16
C LEU B 193 5.59 7.99 -51.86
N GLN B 194 6.75 7.41 -51.58
CA GLN B 194 7.98 8.19 -51.37
C GLN B 194 8.22 9.18 -52.50
N THR B 195 8.06 8.72 -53.74
CA THR B 195 8.29 9.56 -54.90
C THR B 195 7.26 10.68 -55.01
N VAL B 196 5.99 10.35 -54.85
CA VAL B 196 4.90 11.32 -54.96
C VAL B 196 5.11 12.47 -53.99
N VAL B 197 5.46 12.14 -52.76
CA VAL B 197 5.79 13.13 -51.74
C VAL B 197 7.00 13.99 -52.16
N GLU B 198 8.04 13.33 -52.63
CA GLU B 198 9.27 14.01 -53.05
C GLU B 198 9.06 14.92 -54.27
N GLN B 199 8.20 14.51 -55.21
CA GLN B 199 7.88 15.33 -56.38
C GLN B 199 7.11 16.60 -56.02
N ALA B 200 6.28 16.52 -54.98
CA ALA B 200 5.53 17.68 -54.51
C ALA B 200 6.42 18.73 -53.84
N GLY B 201 7.58 18.31 -53.35
CA GLY B 201 8.57 19.20 -52.76
C GLY B 201 8.71 19.10 -51.25
N VAL B 202 8.06 18.10 -50.66
CA VAL B 202 8.06 17.93 -49.21
C VAL B 202 9.36 17.29 -48.75
N THR B 203 10.03 17.92 -47.79
CA THR B 203 11.29 17.40 -47.26
C THR B 203 11.13 15.93 -46.85
N SER B 204 12.15 15.13 -47.11
CA SER B 204 12.12 13.68 -46.88
C SER B 204 11.85 13.31 -45.42
N ASP B 205 12.21 14.22 -44.51
CA ASP B 205 11.90 14.05 -43.08
C ASP B 205 10.41 13.86 -42.78
N LYS B 206 9.53 14.38 -43.64
CA LYS B 206 8.08 14.29 -43.44
C LYS B 206 7.46 12.95 -43.89
N PHE B 207 8.23 12.13 -44.60
CA PHE B 207 7.69 10.90 -45.20
C PHE B 207 7.17 9.86 -44.18
N ALA B 208 7.97 9.56 -43.17
CA ALA B 208 7.57 8.56 -42.16
C ALA B 208 6.28 8.97 -41.42
N PRO B 209 6.20 10.24 -40.97
CA PRO B 209 4.94 10.74 -40.42
C PRO B 209 3.76 10.59 -41.37
N VAL B 210 3.99 10.91 -42.65
CA VAL B 210 2.94 10.78 -43.66
C VAL B 210 2.41 9.34 -43.74
N CYS B 211 3.31 8.36 -43.79
CA CYS B 211 2.90 6.95 -43.81
C CYS B 211 2.09 6.57 -42.57
N VAL B 212 2.58 6.98 -41.40
CA VAL B 212 1.91 6.72 -40.11
C VAL B 212 0.47 7.28 -40.11
N ILE B 213 0.27 8.43 -40.75
CA ILE B 213 -1.05 9.03 -40.84
C ILE B 213 -1.95 8.35 -41.88
N VAL B 214 -1.39 8.08 -43.06
CA VAL B 214 -2.13 7.43 -44.15
C VAL B 214 -2.55 6.00 -43.79
N ASP B 215 -1.75 5.35 -42.96
CA ASP B 215 -2.10 4.05 -42.40
C ASP B 215 -3.44 4.08 -41.67
N LYS B 216 -3.87 5.25 -41.22
CA LYS B 216 -5.12 5.38 -40.47
C LYS B 216 -6.39 5.41 -41.34
N MET B 217 -6.26 5.29 -42.67
CA MET B 217 -7.41 5.44 -43.58
C MET B 217 -8.68 4.61 -43.29
N GLU B 218 -8.52 3.36 -42.89
CA GLU B 218 -9.68 2.53 -42.54
C GLU B 218 -10.21 2.85 -41.15
N LYS B 219 -9.30 3.13 -40.20
CA LYS B 219 -9.66 3.31 -38.78
C LYS B 219 -10.41 4.63 -38.49
N ILE B 220 -10.07 5.70 -39.22
CA ILE B 220 -10.74 7.01 -39.07
C ILE B 220 -11.19 7.57 -40.43
N PRO B 221 -12.15 8.52 -40.44
CA PRO B 221 -12.67 9.02 -41.71
C PRO B 221 -11.63 9.79 -42.52
N ARG B 222 -11.82 9.83 -43.84
CA ARG B 222 -10.94 10.54 -44.76
C ARG B 222 -10.77 12.01 -44.36
N GLU B 223 -11.83 12.62 -43.86
CA GLU B 223 -11.78 14.00 -43.34
C GLU B 223 -10.78 14.13 -42.18
N GLU B 224 -10.79 13.16 -41.27
CA GLU B 224 -9.85 13.13 -40.14
C GLU B 224 -8.40 12.96 -40.59
N VAL B 225 -8.17 12.16 -41.63
CA VAL B 225 -6.80 11.90 -42.11
C VAL B 225 -6.30 13.08 -42.97
N GLU B 226 -7.17 13.66 -43.80
CA GLU B 226 -6.84 14.89 -44.54
C GLU B 226 -6.39 15.98 -43.57
N ALA B 227 -7.12 16.10 -42.47
CA ALA B 227 -6.81 17.09 -41.43
C ALA B 227 -5.43 16.87 -40.82
N GLN B 228 -5.11 15.62 -40.49
CA GLN B 228 -3.82 15.26 -39.88
C GLN B 228 -2.62 15.61 -40.79
N LEU B 229 -2.75 15.30 -42.08
CA LEU B 229 -1.72 15.65 -43.07
C LEU B 229 -1.55 17.17 -43.23
N ALA B 230 -2.62 17.93 -43.02
CA ALA B 230 -2.58 19.40 -43.09
C ALA B 230 -1.69 19.97 -41.98
N VAL B 231 -1.89 19.48 -40.76
CA VAL B 231 -1.07 19.87 -39.61
C VAL B 231 0.40 19.49 -39.76
N LEU B 232 0.67 18.35 -40.40
CA LEU B 232 2.04 17.93 -40.70
C LEU B 232 2.73 18.94 -41.63
N GLY B 233 1.94 19.62 -42.46
CA GLY B 233 2.40 20.78 -43.23
C GLY B 233 2.33 20.66 -44.76
N LEU B 234 1.49 19.76 -45.26
CA LEU B 234 1.34 19.55 -46.69
C LEU B 234 0.09 20.25 -47.22
N GLU B 235 0.21 20.92 -48.37
CA GLU B 235 -0.90 21.65 -48.99
C GLU B 235 -1.88 20.67 -49.68
N PRO B 236 -3.13 21.11 -49.92
CA PRO B 236 -4.20 20.27 -50.51
C PRO B 236 -3.84 19.52 -51.80
N THR B 237 -3.01 20.14 -52.65
CA THR B 237 -2.62 19.52 -53.92
C THR B 237 -1.73 18.29 -53.69
N VAL B 238 -0.86 18.38 -52.70
CA VAL B 238 0.03 17.27 -52.33
C VAL B 238 -0.76 16.13 -51.70
N VAL B 239 -1.77 16.50 -50.91
CA VAL B 239 -2.66 15.54 -50.26
C VAL B 239 -3.48 14.77 -51.31
N ASP B 240 -3.91 15.49 -52.36
CA ASP B 240 -4.71 14.90 -53.42
C ASP B 240 -3.95 13.80 -54.17
N ALA B 241 -2.70 14.07 -54.50
CA ALA B 241 -1.86 13.11 -55.22
C ALA B 241 -1.68 11.84 -54.39
N ILE B 242 -1.44 12.01 -53.10
CA ILE B 242 -1.34 10.89 -52.17
C ILE B 242 -2.59 10.00 -52.24
N THR B 243 -3.76 10.59 -51.99
CA THR B 243 -5.04 9.89 -52.03
C THR B 243 -5.23 9.11 -53.34
N THR B 244 -4.94 9.76 -54.45
CA THR B 244 -5.09 9.16 -55.77
C THR B 244 -4.29 7.87 -55.93
N THR B 245 -3.02 7.89 -55.50
CA THR B 245 -2.14 6.74 -55.70
C THR B 245 -2.54 5.56 -54.79
N LEU B 246 -3.08 5.86 -53.61
CA LEU B 246 -3.62 4.83 -52.72
C LEU B 246 -4.83 4.10 -53.32
N SER B 247 -5.55 4.76 -54.23
CA SER B 247 -6.71 4.18 -54.87
C SER B 247 -6.38 3.42 -56.16
N LEU B 248 -5.12 3.43 -56.59
CA LEU B 248 -4.72 2.73 -57.80
C LEU B 248 -4.76 1.22 -57.58
N LYS B 249 -5.46 0.50 -58.46
CA LYS B 249 -5.83 -0.90 -58.22
C LYS B 249 -4.90 -1.95 -58.85
N SER B 250 -3.89 -1.52 -59.58
CA SER B 250 -2.98 -2.46 -60.23
C SER B 250 -1.57 -1.89 -60.38
N ILE B 251 -0.63 -2.77 -60.61
CA ILE B 251 0.77 -2.38 -60.82
C ILE B 251 0.94 -1.60 -62.14
N ASP B 252 0.17 -1.95 -63.16
CA ASP B 252 0.22 -1.20 -64.42
C ASP B 252 -0.15 0.26 -64.19
N GLU B 253 -1.18 0.48 -63.37
CA GLU B 253 -1.64 1.83 -63.05
C GLU B 253 -0.61 2.61 -62.24
N ILE B 254 0.19 1.90 -61.45
CA ILE B 254 1.37 2.50 -60.81
C ILE B 254 2.39 2.85 -61.89
N ALA B 255 2.66 1.89 -62.78
CA ALA B 255 3.60 2.10 -63.87
C ALA B 255 3.23 3.34 -64.71
N GLN B 256 1.95 3.54 -64.98
CA GLN B 256 1.50 4.72 -65.70
C GLN B 256 1.87 6.00 -64.96
N ARG B 257 1.63 6.02 -63.65
CA ARG B 257 1.83 7.21 -62.85
C ARG B 257 3.30 7.54 -62.64
N VAL B 258 4.11 6.54 -62.26
CA VAL B 258 5.53 6.78 -61.89
C VAL B 258 6.57 6.27 -62.89
N GLY B 259 6.13 5.55 -63.92
CA GLY B 259 7.03 4.95 -64.88
C GLY B 259 7.30 3.48 -64.59
N GLU B 260 7.59 2.73 -65.65
CA GLU B 260 7.89 1.29 -65.55
C GLU B 260 9.27 1.03 -64.91
N GLU B 261 10.18 2.02 -65.00
CA GLU B 261 11.56 1.96 -64.48
C GLU B 261 11.67 2.28 -63.03
N HIS B 262 10.55 2.69 -62.46
CA HIS B 262 10.54 3.02 -61.07
C HIS B 262 10.83 1.76 -60.26
N GLU B 263 11.69 1.91 -59.26
CA GLU B 263 12.20 0.78 -58.51
C GLU B 263 11.06 -0.08 -58.01
N ALA B 264 10.05 0.57 -57.43
CA ALA B 264 8.87 -0.12 -56.91
C ALA B 264 8.23 -1.05 -57.94
N VAL B 265 8.15 -0.63 -59.19
CA VAL B 265 7.51 -1.47 -60.21
C VAL B 265 8.32 -2.75 -60.46
N LYS B 266 9.61 -2.60 -60.74
CA LYS B 266 10.49 -3.77 -60.94
C LYS B 266 10.45 -4.71 -59.74
N GLU B 267 10.48 -4.14 -58.55
CA GLU B 267 10.55 -4.94 -57.33
C GLU B 267 9.26 -5.71 -57.07
N LEU B 268 8.12 -5.04 -57.15
CA LEU B 268 6.84 -5.69 -56.99
C LEU B 268 6.66 -6.80 -58.04
N ARG B 269 7.03 -6.52 -59.29
CA ARG B 269 6.94 -7.54 -60.34
C ARG B 269 7.79 -8.77 -60.01
N GLN B 270 9.04 -8.55 -59.64
CA GLN B 270 9.92 -9.64 -59.22
C GLN B 270 9.29 -10.43 -58.08
N PHE B 271 8.76 -9.71 -57.10
CA PHE B 271 8.12 -10.32 -55.94
C PHE B 271 6.98 -11.26 -56.34
N PHE B 272 6.05 -10.78 -57.15
CA PHE B 272 4.94 -11.65 -57.58
C PHE B 272 5.41 -12.80 -58.46
N GLU B 273 6.37 -12.55 -59.32
CA GLU B 273 6.95 -13.61 -60.14
C GLU B 273 7.52 -14.73 -59.24
N GLN B 274 8.23 -14.35 -58.17
CA GLN B 274 8.88 -15.34 -57.31
C GLN B 274 7.90 -16.10 -56.42
N VAL B 275 6.94 -15.41 -55.84
CA VAL B 275 5.90 -16.07 -55.04
C VAL B 275 5.07 -17.03 -55.92
N GLU B 276 4.81 -16.61 -57.16
CA GLU B 276 4.11 -17.45 -58.11
C GLU B 276 4.92 -18.72 -58.36
N ALA B 277 6.21 -18.56 -58.62
CA ALA B 277 7.09 -19.70 -58.87
C ALA B 277 7.19 -20.65 -57.67
N TYR B 278 7.13 -20.11 -56.45
CA TYR B 278 7.14 -20.94 -55.23
C TYR B 278 5.83 -21.72 -55.06
N GLY B 279 4.75 -21.24 -55.68
CA GLY B 279 3.48 -21.94 -55.67
C GLY B 279 2.42 -21.31 -54.77
N TYR B 280 2.62 -20.06 -54.36
CA TYR B 280 1.66 -19.38 -53.49
C TYR B 280 1.03 -18.16 -54.15
N GLY B 281 0.94 -18.16 -55.48
CA GLY B 281 0.33 -17.07 -56.22
C GLY B 281 -1.09 -16.73 -55.82
N ASP B 282 -1.87 -17.76 -55.47
CA ASP B 282 -3.25 -17.53 -55.04
C ASP B 282 -3.34 -16.82 -53.67
N TRP B 283 -2.27 -16.85 -52.87
CA TRP B 283 -2.29 -16.22 -51.54
C TRP B 283 -2.02 -14.72 -51.52
N VAL B 284 -1.45 -14.19 -52.59
CA VAL B 284 -0.91 -12.83 -52.55
C VAL B 284 -1.58 -11.96 -53.59
N LEU B 285 -1.68 -10.67 -53.30
CA LEU B 285 -2.20 -9.70 -54.25
C LEU B 285 -1.65 -8.30 -53.96
N PHE B 286 -1.80 -7.42 -54.94
CA PHE B 286 -1.38 -6.03 -54.81
C PHE B 286 -2.49 -5.18 -54.19
N ASP B 287 -2.11 -4.31 -53.25
CA ASP B 287 -3.05 -3.33 -52.70
C ASP B 287 -2.31 -2.04 -52.33
N ALA B 288 -2.56 -0.98 -53.09
CA ALA B 288 -1.86 0.29 -52.97
C ALA B 288 -2.19 1.08 -51.70
N SER B 289 -3.25 0.69 -50.99
CA SER B 289 -3.62 1.32 -49.72
C SER B 289 -2.79 0.83 -48.52
N VAL B 290 -2.03 -0.25 -48.68
CA VAL B 290 -1.25 -0.80 -47.56
C VAL B 290 0.10 -0.11 -47.38
N VAL B 291 0.25 0.59 -46.26
CA VAL B 291 1.53 1.24 -45.93
C VAL B 291 2.12 0.79 -44.58
N ARG B 292 1.26 0.28 -43.69
CA ARG B 292 1.62 -0.08 -42.29
C ARG B 292 1.83 1.16 -41.42
N GLY B 293 1.73 0.96 -40.11
CA GLY B 293 1.78 2.06 -39.15
C GLY B 293 3.17 2.39 -38.63
N LEU B 294 4.18 1.60 -38.98
CA LEU B 294 5.51 1.79 -38.42
C LEU B 294 6.35 2.75 -39.25
N ALA B 295 7.08 3.61 -38.56
CA ALA B 295 7.88 4.64 -39.19
C ALA B 295 8.97 4.10 -40.10
N TYR B 296 9.50 2.92 -39.75
CA TYR B 296 10.78 2.49 -40.31
C TYR B 296 10.74 1.71 -41.63
N TYR B 297 9.55 1.35 -42.12
CA TYR B 297 9.49 0.62 -43.39
C TYR B 297 9.87 1.53 -44.56
N THR B 298 10.72 1.02 -45.44
CA THR B 298 11.26 1.80 -46.56
C THR B 298 10.88 1.31 -47.93
N GLY B 299 10.52 0.04 -48.05
CA GLY B 299 10.26 -0.57 -49.32
C GLY B 299 8.96 -1.32 -49.30
N ILE B 300 9.00 -2.58 -49.73
CA ILE B 300 7.81 -3.43 -49.73
C ILE B 300 7.22 -3.58 -48.33
N VAL B 301 5.91 -3.48 -48.25
CA VAL B 301 5.16 -3.74 -47.02
C VAL B 301 4.03 -4.72 -47.33
N PHE B 302 3.60 -5.46 -46.31
CA PHE B 302 2.51 -6.42 -46.51
C PHE B 302 1.74 -6.71 -45.25
N GLU B 303 0.50 -7.16 -45.42
CA GLU B 303 -0.33 -7.60 -44.31
C GLU B 303 -1.33 -8.67 -44.70
N GLY B 304 -1.54 -9.60 -43.76
CA GLY B 304 -2.42 -10.74 -43.97
C GLY B 304 -3.81 -10.38 -43.55
N PHE B 305 -4.79 -10.96 -44.23
CA PHE B 305 -6.17 -10.61 -43.96
C PHE B 305 -7.06 -11.79 -44.26
N ASP B 306 -8.19 -11.86 -43.60
CA ASP B 306 -9.18 -12.89 -43.92
C ASP B 306 -10.02 -12.41 -45.07
N ARG B 307 -10.26 -13.30 -46.02
CA ARG B 307 -11.05 -12.98 -47.20
C ARG B 307 -12.56 -12.82 -46.98
N GLU B 308 -13.01 -12.86 -45.72
CA GLU B 308 -14.41 -12.52 -45.39
C GLU B 308 -14.58 -11.11 -44.82
N GLY B 309 -13.45 -10.43 -44.56
CA GLY B 309 -13.48 -9.06 -44.02
C GLY B 309 -13.99 -8.95 -42.59
N LYS B 310 -13.79 -10.02 -41.81
CA LYS B 310 -14.32 -10.08 -40.46
C LYS B 310 -13.33 -9.70 -39.38
N PHE B 311 -12.04 -9.83 -39.66
CA PHE B 311 -11.05 -9.69 -38.61
C PHE B 311 -10.02 -8.64 -38.97
N ARG B 312 -9.31 -8.18 -37.94
CA ARG B 312 -8.17 -7.29 -38.12
C ARG B 312 -7.02 -8.05 -38.79
N ALA B 313 -5.94 -7.34 -39.11
CA ALA B 313 -4.80 -7.95 -39.79
C ALA B 313 -4.24 -9.16 -39.04
N LEU B 314 -3.91 -10.22 -39.77
CA LEU B 314 -3.39 -11.45 -39.16
C LEU B 314 -1.89 -11.34 -38.90
N CYS B 315 -1.21 -10.57 -39.75
CA CYS B 315 0.22 -10.36 -39.66
C CYS B 315 0.57 -9.15 -40.50
N GLY B 316 1.78 -8.63 -40.27
CA GLY B 316 2.22 -7.44 -40.97
C GLY B 316 3.72 -7.29 -40.94
N GLY B 317 4.25 -6.71 -42.00
CA GLY B 317 5.69 -6.55 -42.11
C GLY B 317 6.14 -5.76 -43.30
N GLY B 318 7.45 -5.80 -43.55
CA GLY B 318 8.05 -5.03 -44.62
C GLY B 318 9.56 -4.87 -44.49
N ARG B 319 10.12 -4.18 -45.48
CA ARG B 319 11.54 -3.87 -45.55
C ARG B 319 11.81 -2.61 -44.77
N TYR B 320 12.90 -2.62 -44.00
CA TYR B 320 13.33 -1.47 -43.22
C TYR B 320 14.86 -1.32 -43.32
N ASP B 321 15.33 -0.72 -44.41
CA ASP B 321 16.75 -0.71 -44.77
C ASP B 321 17.60 0.35 -44.06
N ASN B 322 16.96 1.32 -43.42
CA ASN B 322 17.68 2.40 -42.74
C ASN B 322 17.69 2.33 -41.20
N LEU B 323 16.86 1.45 -40.63
CA LEU B 323 16.73 1.36 -39.17
C LEU B 323 18.08 1.26 -38.47
N LEU B 324 18.92 0.35 -38.95
CA LEU B 324 20.20 0.11 -38.30
C LEU B 324 21.15 1.29 -38.50
N THR B 325 20.99 1.99 -39.61
CA THR B 325 21.71 3.25 -39.81
C THR B 325 21.26 4.33 -38.81
N THR B 326 19.97 4.40 -38.50
CA THR B 326 19.49 5.40 -37.53
C THR B 326 19.99 5.08 -36.12
N TYR B 327 20.15 3.79 -35.82
CA TYR B 327 20.75 3.40 -34.53
C TYR B 327 22.26 3.58 -34.49
N GLY B 328 22.86 3.94 -35.62
CA GLY B 328 24.28 4.27 -35.66
C GLY B 328 25.18 3.23 -36.30
N SER B 329 24.63 2.28 -37.05
CA SER B 329 25.47 1.34 -37.80
C SER B 329 26.36 2.13 -38.75
N PRO B 330 27.67 1.87 -38.73
CA PRO B 330 28.55 2.60 -39.66
C PRO B 330 28.29 2.24 -41.13
N THR B 331 27.63 1.12 -41.39
CA THR B 331 27.29 0.74 -42.75
C THR B 331 25.81 0.36 -42.83
N PRO B 332 25.13 0.76 -43.92
CA PRO B 332 23.72 0.38 -44.07
C PRO B 332 23.54 -1.14 -44.10
N ILE B 333 22.54 -1.63 -43.38
CA ILE B 333 22.26 -3.06 -43.33
C ILE B 333 20.81 -3.29 -43.72
N PRO B 334 20.60 -3.92 -44.88
CA PRO B 334 19.23 -4.16 -45.32
C PRO B 334 18.56 -5.19 -44.44
N CYS B 335 17.28 -4.97 -44.17
CA CYS B 335 16.49 -5.85 -43.34
C CYS B 335 15.07 -5.91 -43.85
N ALA B 336 14.39 -6.98 -43.48
CA ALA B 336 12.96 -7.11 -43.74
C ALA B 336 12.42 -8.21 -42.85
N GLY B 337 11.17 -8.06 -42.44
CA GLY B 337 10.54 -9.06 -41.62
C GLY B 337 9.10 -8.75 -41.31
N PHE B 338 8.52 -9.56 -40.44
CA PHE B 338 7.13 -9.38 -40.04
C PHE B 338 6.86 -9.86 -38.62
N GLY B 339 5.68 -9.47 -38.15
CA GLY B 339 5.13 -9.94 -36.93
C GLY B 339 3.77 -10.55 -37.21
N PHE B 340 3.42 -11.56 -36.42
CA PHE B 340 2.26 -12.40 -36.64
C PHE B 340 1.74 -12.68 -35.24
N GLY B 341 0.66 -11.98 -34.88
CA GLY B 341 0.11 -12.02 -33.55
C GLY B 341 -0.57 -13.34 -33.22
N ASP B 342 -0.85 -13.55 -31.94
CA ASP B 342 -1.46 -14.80 -31.47
C ASP B 342 -2.96 -14.72 -31.18
N CYS B 343 -3.59 -13.56 -31.33
CA CYS B 343 -5.00 -13.39 -30.96
CA CYS B 343 -5.01 -13.35 -30.97
C CYS B 343 -5.95 -13.48 -32.18
N VAL B 344 -5.67 -12.70 -33.23
CA VAL B 344 -6.55 -12.70 -34.38
C VAL B 344 -6.60 -14.04 -35.10
N ILE B 345 -5.43 -14.64 -35.33
CA ILE B 345 -5.37 -15.97 -35.92
C ILE B 345 -6.24 -16.99 -35.21
N VAL B 346 -6.24 -16.94 -33.88
CA VAL B 346 -6.99 -17.91 -33.08
C VAL B 346 -8.47 -17.69 -33.31
N GLU B 347 -8.90 -16.43 -33.30
CA GLU B 347 -10.29 -16.08 -33.61
C GLU B 347 -10.72 -16.59 -35.00
N LEU B 348 -9.85 -16.40 -35.98
CA LEU B 348 -10.14 -16.90 -37.31
C LEU B 348 -10.27 -18.41 -37.28
N LEU B 349 -9.30 -19.08 -36.66
CA LEU B 349 -9.31 -20.53 -36.59
C LEU B 349 -10.56 -21.07 -35.87
N GLN B 350 -10.98 -20.40 -34.80
CA GLN B 350 -12.22 -20.77 -34.10
C GLN B 350 -13.46 -20.63 -35.00
N GLU B 351 -13.55 -19.54 -35.76
CA GLU B 351 -14.64 -19.36 -36.72
C GLU B 351 -14.67 -20.47 -37.77
N LYS B 352 -13.49 -20.82 -38.29
CA LYS B 352 -13.39 -21.85 -39.33
C LYS B 352 -13.41 -23.26 -38.76
N ARG B 353 -13.59 -23.39 -37.44
CA ARG B 353 -13.70 -24.67 -36.74
C ARG B 353 -12.43 -25.50 -36.87
N LEU B 354 -11.29 -24.83 -36.82
CA LEU B 354 -9.99 -25.44 -36.96
C LEU B 354 -9.24 -25.51 -35.63
N LEU B 355 -9.95 -25.32 -34.52
CA LEU B 355 -9.37 -25.44 -33.19
C LEU B 355 -10.21 -26.31 -32.27
N PRO B 356 -10.42 -27.57 -32.66
CA PRO B 356 -11.12 -28.43 -31.72
C PRO B 356 -10.26 -28.60 -30.49
N ASP B 357 -10.89 -28.86 -29.35
CA ASP B 357 -10.16 -29.22 -28.15
C ASP B 357 -9.33 -30.45 -28.47
N ILE B 358 -8.05 -30.42 -28.08
CA ILE B 358 -7.20 -31.60 -28.14
C ILE B 358 -7.06 -32.08 -26.70
N PRO B 359 -7.68 -33.21 -26.34
CA PRO B 359 -7.53 -33.63 -24.95
C PRO B 359 -6.10 -34.00 -24.63
N HIS B 360 -5.76 -33.92 -23.35
CA HIS B 360 -4.49 -34.43 -22.87
C HIS B 360 -4.41 -35.94 -23.12
N VAL B 361 -3.22 -36.41 -23.46
CA VAL B 361 -2.98 -37.84 -23.65
C VAL B 361 -1.72 -38.25 -22.91
N VAL B 362 -1.66 -39.53 -22.57
CA VAL B 362 -0.46 -40.15 -22.03
C VAL B 362 -0.51 -41.61 -22.50
N ASP B 363 0.65 -42.21 -22.76
CA ASP B 363 0.67 -43.58 -23.30
C ASP B 363 0.16 -44.59 -22.28
N ASP B 364 0.76 -44.58 -21.10
CA ASP B 364 0.47 -45.59 -20.08
C ASP B 364 0.06 -45.02 -18.73
N VAL B 365 -0.89 -45.69 -18.08
CA VAL B 365 -1.17 -45.46 -16.68
C VAL B 365 -0.96 -46.76 -15.89
N VAL B 366 0.01 -46.73 -14.99
CA VAL B 366 0.39 -47.89 -14.20
C VAL B 366 -0.45 -47.91 -12.94
N ILE B 367 -1.11 -49.02 -12.68
CA ILE B 367 -2.06 -49.14 -11.58
C ILE B 367 -1.62 -50.23 -10.63
N PRO B 368 -1.20 -49.84 -9.42
CA PRO B 368 -0.93 -50.84 -8.40
C PRO B 368 -2.24 -51.49 -7.99
N PHE B 369 -2.27 -52.81 -7.89
CA PHE B 369 -3.45 -53.50 -7.41
C PHE B 369 -3.83 -53.00 -6.01
N ASP B 370 -2.82 -52.73 -5.19
CA ASP B 370 -3.00 -52.16 -3.86
C ASP B 370 -1.63 -51.61 -3.45
N GLU B 371 -1.53 -51.03 -2.25
CA GLU B 371 -0.29 -50.34 -1.86
C GLU B 371 0.93 -51.25 -1.79
N SER B 372 0.73 -52.52 -1.43
CA SER B 372 1.84 -53.47 -1.35
C SER B 372 2.54 -53.66 -2.70
N MET B 373 1.83 -53.41 -3.79
CA MET B 373 2.40 -53.53 -5.14
C MET B 373 3.09 -52.26 -5.64
N ARG B 374 3.07 -51.19 -4.83
CA ARG B 374 3.59 -49.89 -5.29
C ARG B 374 5.06 -49.97 -5.69
N PRO B 375 5.91 -50.58 -4.86
CA PRO B 375 7.30 -50.72 -5.26
C PRO B 375 7.47 -51.42 -6.61
N HIS B 376 6.72 -52.50 -6.83
CA HIS B 376 6.79 -53.19 -8.11
C HIS B 376 6.28 -52.31 -9.24
N ALA B 377 5.16 -51.63 -9.02
CA ALA B 377 4.59 -50.72 -10.02
C ALA B 377 5.55 -49.59 -10.38
N LEU B 378 6.35 -49.16 -9.43
CA LEU B 378 7.33 -48.10 -9.67
C LEU B 378 8.43 -48.58 -10.59
N ALA B 379 8.89 -49.81 -10.40
CA ALA B 379 9.90 -50.39 -11.28
C ALA B 379 9.37 -50.52 -12.72
N VAL B 380 8.10 -50.86 -12.87
CA VAL B 380 7.48 -50.94 -14.19
C VAL B 380 7.43 -49.54 -14.83
N LEU B 381 6.96 -48.57 -14.06
CA LEU B 381 6.94 -47.18 -14.49
C LEU B 381 8.30 -46.70 -14.98
N ARG B 382 9.34 -46.98 -14.22
CA ARG B 382 10.71 -46.70 -14.66
C ARG B 382 11.00 -47.25 -16.05
N ARG B 383 10.70 -48.54 -16.27
CA ARG B 383 11.01 -49.19 -17.54
C ARG B 383 10.26 -48.54 -18.70
N LEU B 384 8.97 -48.30 -18.49
CA LEU B 384 8.13 -47.68 -19.50
C LEU B 384 8.72 -46.33 -19.93
N ARG B 385 9.10 -45.51 -18.96
CA ARG B 385 9.67 -44.20 -19.25
C ARG B 385 11.01 -44.29 -19.93
N ASP B 386 11.84 -45.26 -19.51
CA ASP B 386 13.15 -45.49 -20.13
C ASP B 386 13.07 -45.73 -21.62
N ALA B 387 11.95 -46.31 -22.06
CA ALA B 387 11.77 -46.63 -23.48
C ALA B 387 11.14 -45.48 -24.27
N GLY B 388 10.95 -44.31 -23.64
CA GLY B 388 10.46 -43.14 -24.33
C GLY B 388 8.95 -42.98 -24.28
N ARG B 389 8.28 -43.77 -23.45
CA ARG B 389 6.85 -43.64 -23.30
C ARG B 389 6.50 -42.59 -22.26
N SER B 390 5.33 -41.97 -22.41
CA SER B 390 4.79 -41.08 -21.42
C SER B 390 3.92 -41.92 -20.52
N ALA B 391 4.12 -41.83 -19.22
CA ALA B 391 3.45 -42.74 -18.29
C ALA B 391 3.19 -42.07 -16.95
N ASP B 392 2.00 -42.33 -16.41
CA ASP B 392 1.67 -41.96 -15.04
C ASP B 392 1.65 -43.19 -14.17
N ILE B 393 1.69 -42.97 -12.87
CA ILE B 393 1.35 -43.97 -11.89
C ILE B 393 0.30 -43.39 -10.99
N ILE B 394 -0.62 -44.23 -10.57
CA ILE B 394 -1.66 -43.80 -9.66
C ILE B 394 -0.95 -43.43 -8.35
N LEU B 395 -1.06 -42.17 -7.95
CA LEU B 395 -0.27 -41.67 -6.83
C LEU B 395 -0.90 -41.91 -5.47
N ASP B 396 -2.19 -41.62 -5.32
CA ASP B 396 -2.94 -41.82 -4.09
CA ASP B 396 -2.86 -41.84 -4.04
C ASP B 396 -3.49 -43.24 -4.01
N LYS B 397 -4.12 -43.58 -2.89
CA LYS B 397 -4.73 -44.88 -2.68
C LYS B 397 -6.07 -44.89 -3.40
N LYS B 398 -6.31 -45.88 -4.27
CA LYS B 398 -7.66 -46.09 -4.80
C LYS B 398 -7.94 -47.46 -5.44
N LYS B 399 -9.21 -47.83 -5.45
CA LYS B 399 -9.66 -49.06 -6.08
C LYS B 399 -9.35 -49.06 -7.58
N VAL B 400 -9.17 -50.26 -8.12
CA VAL B 400 -8.78 -50.45 -9.52
C VAL B 400 -9.77 -49.82 -10.50
N VAL B 401 -11.06 -50.02 -10.28
CA VAL B 401 -12.08 -49.41 -11.15
C VAL B 401 -11.99 -47.89 -11.18
N GLN B 402 -11.73 -47.27 -10.02
CA GLN B 402 -11.49 -45.83 -9.96
C GLN B 402 -10.17 -45.45 -10.61
N ALA B 403 -9.16 -46.29 -10.44
CA ALA B 403 -7.87 -46.07 -11.13
C ALA B 403 -8.05 -46.11 -12.65
N PHE B 404 -8.84 -47.06 -13.11
CA PHE B 404 -9.15 -47.17 -14.54
C PHE B 404 -9.94 -45.96 -15.03
N ASN B 405 -10.90 -45.50 -14.25
CA ASN B 405 -11.65 -44.29 -14.61
C ASN B 405 -10.71 -43.10 -14.79
N TYR B 406 -9.74 -43.01 -13.90
CA TYR B 406 -8.77 -41.93 -13.96
C TYR B 406 -7.90 -42.05 -15.21
N ALA B 407 -7.49 -43.27 -15.52
CA ALA B 407 -6.77 -43.54 -16.76
C ALA B 407 -7.53 -42.99 -17.96
N ASP B 408 -8.82 -43.30 -18.05
CA ASP B 408 -9.65 -42.79 -19.14
C ASP B 408 -9.72 -41.26 -19.13
N ARG B 409 -9.83 -40.67 -17.95
CA ARG B 409 -9.95 -39.22 -17.81
C ARG B 409 -8.71 -38.49 -18.32
N VAL B 410 -7.52 -39.00 -18.02
CA VAL B 410 -6.29 -38.37 -18.51
C VAL B 410 -5.92 -38.78 -19.96
N GLY B 411 -6.77 -39.59 -20.59
CA GLY B 411 -6.57 -39.96 -21.99
C GLY B 411 -5.40 -40.91 -22.16
N ALA B 412 -5.34 -41.94 -21.31
CA ALA B 412 -4.34 -42.99 -21.43
C ALA B 412 -4.70 -43.88 -22.60
N VAL B 413 -3.69 -44.30 -23.34
CA VAL B 413 -3.87 -45.27 -24.42
C VAL B 413 -3.94 -46.67 -23.82
N ARG B 414 -3.32 -46.86 -22.66
CA ARG B 414 -3.16 -48.18 -22.10
C ARG B 414 -3.06 -48.17 -20.57
N ALA B 415 -3.77 -49.09 -19.91
CA ALA B 415 -3.66 -49.29 -18.46
C ALA B 415 -2.86 -50.54 -18.14
N VAL B 416 -1.86 -50.40 -17.27
CA VAL B 416 -0.99 -51.48 -16.87
C VAL B 416 -1.22 -51.77 -15.40
N LEU B 417 -2.03 -52.81 -15.13
CA LEU B 417 -2.35 -53.21 -13.77
C LEU B 417 -1.24 -54.11 -13.23
N VAL B 418 -0.63 -53.71 -12.11
CA VAL B 418 0.43 -54.49 -11.47
C VAL B 418 -0.13 -55.22 -10.26
N ALA B 419 -0.46 -56.50 -10.46
CA ALA B 419 -1.16 -57.31 -9.45
C ALA B 419 -0.30 -58.49 -8.99
N PRO B 420 -0.53 -58.97 -7.74
CA PRO B 420 0.36 -59.95 -7.13
C PRO B 420 0.50 -61.27 -7.90
N GLU B 421 -0.59 -61.83 -8.40
CA GLU B 421 -0.53 -63.15 -9.06
C GLU B 421 0.30 -63.08 -10.34
N GLU B 422 0.05 -62.06 -11.15
CA GLU B 422 0.77 -61.87 -12.40
C GLU B 422 2.24 -61.59 -12.14
N TRP B 423 2.52 -60.78 -11.13
CA TRP B 423 3.89 -60.41 -10.79
C TRP B 423 4.77 -61.63 -10.51
N GLU B 424 4.23 -62.62 -9.81
CA GLU B 424 4.98 -63.84 -9.50
C GLU B 424 5.27 -64.68 -10.74
N ARG B 425 4.52 -64.43 -11.81
CA ARG B 425 4.80 -65.05 -13.11
C ARG B 425 5.68 -64.18 -14.00
N GLY B 426 6.20 -63.09 -13.45
CA GLY B 426 6.97 -62.12 -14.23
C GLY B 426 6.13 -61.32 -15.21
N GLU B 427 4.88 -61.05 -14.84
CA GLU B 427 3.91 -60.45 -15.75
C GLU B 427 3.13 -59.29 -15.12
N VAL B 428 2.52 -58.49 -15.99
CA VAL B 428 1.47 -57.54 -15.59
C VAL B 428 0.23 -57.77 -16.44
N GLN B 429 -0.86 -57.11 -16.07
CA GLN B 429 -2.09 -57.17 -16.83
C GLN B 429 -2.33 -55.85 -17.56
N VAL B 430 -2.57 -55.94 -18.86
CA VAL B 430 -2.66 -54.78 -19.74
C VAL B 430 -4.04 -54.67 -20.36
N LYS B 431 -4.56 -53.45 -20.40
CA LYS B 431 -5.84 -53.19 -21.03
C LYS B 431 -5.71 -51.97 -21.93
N MET B 432 -6.18 -52.10 -23.16
CA MET B 432 -6.18 -50.99 -24.11
C MET B 432 -7.43 -50.13 -23.89
N LEU B 433 -7.23 -48.82 -23.90
CA LEU B 433 -8.30 -47.86 -23.63
C LEU B 433 -8.98 -47.39 -24.92
N ARG B 434 -8.18 -47.07 -25.92
CA ARG B 434 -8.67 -46.41 -27.15
C ARG B 434 -8.23 -47.19 -28.38
N GLY B 447 -8.80 -57.39 -21.06
CA GLY B 447 -7.45 -57.31 -20.49
C GLY B 447 -6.74 -58.65 -20.59
N PHE B 448 -5.42 -58.65 -20.43
CA PHE B 448 -4.63 -59.89 -20.46
C PHE B 448 -3.20 -59.74 -19.96
N ALA B 449 -2.57 -60.87 -19.65
CA ALA B 449 -1.24 -60.88 -19.05
C ALA B 449 -0.17 -60.63 -20.11
N VAL B 450 0.92 -60.00 -19.70
CA VAL B 450 2.03 -59.68 -20.59
C VAL B 450 3.36 -59.78 -19.82
N PRO B 451 4.36 -60.48 -20.39
CA PRO B 451 5.67 -60.51 -19.71
C PRO B 451 6.26 -59.12 -19.60
N LEU B 452 6.97 -58.85 -18.52
CA LEU B 452 7.47 -57.49 -18.24
C LEU B 452 8.34 -56.92 -19.36
N ASP B 453 9.13 -57.79 -20.01
CA ASP B 453 10.07 -57.34 -21.04
C ASP B 453 9.37 -56.98 -22.36
N ARG B 454 8.17 -57.51 -22.55
CA ARG B 454 7.39 -57.25 -23.77
C ARG B 454 6.47 -56.03 -23.67
N LEU B 455 6.50 -55.33 -22.54
CA LEU B 455 5.72 -54.10 -22.39
C LEU B 455 6.18 -52.98 -23.31
N VAL B 456 7.48 -52.91 -23.57
CA VAL B 456 8.06 -51.78 -24.29
C VAL B 456 8.51 -52.16 -25.70
N HIS C . 0.29 24.50 33.50
CA HIS C . -0.83 24.40 32.53
C HIS C . -2.15 24.55 33.23
O HIS C . -2.22 24.48 34.44
CB HIS C . -0.78 23.08 31.79
CG HIS C . 0.54 22.82 31.16
ND1 HIS C . 0.98 23.50 30.06
CD2 HIS C . 1.56 22.02 31.55
CE1 HIS C . 2.20 23.09 29.75
NE2 HIS C . 2.58 22.19 30.64
OXT HIS C . -3.18 24.72 32.60
C1 282 D . -5.79 25.75 39.85
C1 282 D . -5.67 25.77 39.88
O2 282 D . -6.11 25.10 41.08
O2 282 D . -6.10 25.16 41.10
C3 282 D . -7.28 24.38 41.11
C3 282 D . -7.25 24.41 41.07
C4 282 D . -8.08 24.26 40.00
C4 282 D . -7.73 23.80 42.20
C5 282 D . -9.25 23.54 40.09
C5 282 D . -8.90 23.06 42.10
C6 282 D . -9.58 22.96 41.31
C6 282 D . -9.52 22.97 40.87
N7 282 D . -8.81 23.06 42.39
N7 282 D . -9.06 23.55 39.76
C8 282 D . -7.68 23.77 42.28
C8 282 D . -7.94 24.26 39.87
S SO4 E . 1.32 7.83 44.34
O1 SO4 E . 1.74 7.16 45.60
O2 SO4 E . 0.03 8.57 44.50
O3 SO4 E . 1.16 6.78 43.30
O4 SO4 E . 2.34 8.81 43.92
S SO4 F . -10.46 19.81 37.16
O1 SO4 F . -11.88 20.18 37.37
O2 SO4 F . -9.91 19.15 38.37
O3 SO4 F . -10.38 18.88 36.00
O4 SO4 F . -9.71 21.05 36.91
C1 EDO G . 11.44 30.62 58.33
O1 EDO G . 12.42 30.41 57.32
C2 EDO G . 10.07 30.52 57.68
O2 EDO G . 10.03 31.50 56.65
C1 GOL H . -11.07 5.18 17.69
O1 GOL H . -11.87 5.82 18.71
C2 GOL H . -9.60 5.59 17.81
O2 GOL H . -8.71 4.84 16.97
C3 GOL H . -9.08 5.34 19.21
O3 GOL H . -8.54 4.03 19.28
N HIS I . 7.66 -4.97 -35.45
CA HIS I . 6.60 -5.06 -36.49
C HIS I . 5.25 -4.94 -35.83
O HIS I . 5.14 -5.03 -34.60
CB HIS I . 6.71 -6.39 -37.27
CG HIS I . 8.05 -6.55 -37.93
ND1 HIS I . 8.50 -5.71 -38.91
CD2 HIS I . 9.05 -7.43 -37.69
CE1 HIS I . 9.72 -6.07 -39.27
NE2 HIS I . 10.07 -7.12 -38.56
OXT HIS I . 4.25 -4.73 -36.51
C1 282 J . 1.67 -3.73 -29.66
C1 282 J . 1.68 -3.71 -29.85
O2 282 J . 1.53 -4.45 -28.44
O2 282 J . 1.46 -4.25 -28.55
C3 282 J . 0.35 -5.11 -28.23
C3 282 J . 0.36 -5.05 -28.37
C4 282 J . -0.64 -5.12 -29.19
C4 282 J . 0.08 -5.60 -27.14
C5 282 J . -1.82 -5.78 -28.91
C5 282 J . -1.06 -6.39 -27.00
C6 282 J . -1.95 -6.43 -27.70
C6 282 J . -1.84 -6.59 -28.11
N7 282 J . -1.00 -6.45 -26.77
N7 282 J . -1.58 -6.07 -29.31
C8 282 J . 0.13 -5.79 -27.04
C8 282 J . -0.50 -5.31 -29.43
S SO4 K . -2.96 -9.82 -32.19
O1 SO4 K . -2.35 -10.36 -30.94
O2 SO4 K . -4.21 -9.11 -31.86
O3 SO4 K . -3.23 -10.96 -33.11
O4 SO4 K . -2.03 -8.87 -32.82
C1 EDO L . 19.39 0.10 -12.81
O1 EDO L . 20.46 0.31 -11.88
C2 EDO L . 18.10 -0.11 -12.03
O2 EDO L . 17.86 1.05 -11.25
C1 GOL M . -1.30 -24.90 -51.29
O1 GOL M . -0.26 -24.42 -52.17
C2 GOL M . -2.24 -23.74 -50.98
O2 GOL M . -2.14 -22.74 -51.99
C3 GOL M . -3.70 -24.16 -50.94
O3 GOL M . -4.49 -22.97 -50.94
#